data_7OWP
#
_entry.id   7OWP
#
_cell.length_a   79.324
_cell.length_b   178.199
_cell.length_c   58.185
_cell.angle_alpha   90.000
_cell.angle_beta   90.000
_cell.angle_gamma   90.000
#
_symmetry.space_group_name_H-M   'P 21 21 2'
#
loop_
_entity.id
_entity.type
_entity.pdbx_description
1 polymer 'Glycylpeptide N-tetradecanoyltransferase 1'
2 polymer ACE-GLY-ORN-SER-PHE-SER-LYS-PRO-ARG
3 non-polymer GLYCEROL
4 non-polymer TETRADECANOYL-COA
5 water water
#
loop_
_entity_poly.entity_id
_entity_poly.type
_entity_poly.pdbx_seq_one_letter_code
_entity_poly.pdbx_strand_id
1 'polypeptide(L)'
;GGSEFSVGQGPAKTMEEASKRSYQFWDTQPVPKLGEVVNTHGPVEPDKDNIRQEPYTLPQGFTWDALDLGDRGVLKELYT
LLNENYVEDDDNMFRFDYSPEFLLWALRPPGWLPQWHCGVRVVSSRKLVGFISAIPANIHIYDTEKKMVEINFLCVHKKL
RSKRVAPVLIREITRRVHLEGIFQAVYTAGVVLPKPVGTCRYWHRSLNPRKLIEVKFSHLSRNMTMQRTMKLYRLPETPK
TAGLRPMETKDIPVVHQLLTRYLKQFHLTPVMSQEEVEHWFYPQENIIDTFVVENANGEVTDFLSFYTLPSTIMNHPTHK
SLKAAYSFYNVHTQTPLLDLMSDALVLAKMKGFDVFNALDLMENKTFLEKLKFGIGDGNLQYYLYNWKCPSMGAEKVGLV
LQ
;
A,B
2 'polypeptide(L)' (ACE)G(ORN)SFSKPR E,D
#
loop_
_chem_comp.id
_chem_comp.type
_chem_comp.name
_chem_comp.formula
ACE non-polymer 'ACETYL GROUP' 'C2 H4 O'
GOL non-polymer GLYCEROL 'C3 H8 O3'
MYA non-polymer TETRADECANOYL-COA 'C35 H62 N7 O17 P3 S'
#
# COMPACT_ATOMS: atom_id res chain seq x y z
N GLN A 9 -14.43 -31.73 -15.49
CA GLN A 9 -13.26 -30.98 -15.91
C GLN A 9 -13.64 -29.65 -16.58
N GLY A 10 -14.94 -29.38 -16.69
CA GLY A 10 -15.42 -28.19 -17.33
C GLY A 10 -16.21 -27.28 -16.39
N PRO A 11 -16.29 -25.99 -16.74
CA PRO A 11 -16.89 -25.01 -15.82
C PRO A 11 -18.41 -25.17 -15.73
N ALA A 12 -18.98 -24.48 -14.74
CA ALA A 12 -20.42 -24.51 -14.46
C ALA A 12 -20.99 -23.10 -14.42
N LYS A 13 -22.23 -22.96 -14.91
CA LYS A 13 -22.89 -21.66 -14.98
C LYS A 13 -23.95 -21.46 -13.91
N THR A 14 -24.52 -22.54 -13.37
CA THR A 14 -25.60 -22.45 -12.39
C THR A 14 -25.15 -23.08 -11.08
N MET A 15 -25.81 -22.65 -9.99
CA MET A 15 -25.45 -23.14 -8.65
C MET A 15 -25.83 -24.60 -8.47
N GLU A 16 -26.91 -25.05 -9.10
CA GLU A 16 -27.29 -26.46 -8.99
C GLU A 16 -26.38 -27.35 -9.82
N GLU A 17 -25.98 -26.88 -11.00
CA GLU A 17 -25.04 -27.64 -11.82
C GLU A 17 -23.66 -27.70 -11.17
N ALA A 18 -23.26 -26.62 -10.51
CA ALA A 18 -21.95 -26.60 -9.85
C ALA A 18 -21.91 -27.49 -8.62
N SER A 19 -23.06 -27.78 -8.01
CA SER A 19 -23.09 -28.59 -6.79
C SER A 19 -22.86 -30.07 -7.05
N LYS A 20 -23.01 -30.53 -8.30
CA LYS A 20 -22.67 -31.89 -8.66
C LYS A 20 -21.24 -32.00 -9.19
N ARG A 21 -20.53 -30.89 -9.31
CA ARG A 21 -19.19 -30.83 -9.87
C ARG A 21 -18.15 -31.03 -8.78
N SER A 22 -16.96 -31.48 -9.19
CA SER A 22 -15.82 -31.64 -8.31
C SER A 22 -14.82 -30.50 -8.54
N TYR A 23 -14.28 -29.97 -7.45
CA TYR A 23 -13.37 -28.83 -7.53
C TYR A 23 -12.02 -29.24 -6.94
N GLN A 24 -11.26 -30.00 -7.73
CA GLN A 24 -9.97 -30.52 -7.27
C GLN A 24 -9.03 -29.40 -6.86
N PHE A 25 -9.01 -28.30 -7.61
CA PHE A 25 -8.15 -27.18 -7.22
C PHE A 25 -8.76 -26.39 -6.07
N TRP A 26 -10.03 -25.99 -6.20
CA TRP A 26 -10.56 -25.07 -5.20
C TRP A 26 -10.78 -25.73 -3.85
N ASP A 27 -10.93 -27.06 -3.81
CA ASP A 27 -10.94 -27.76 -2.53
C ASP A 27 -9.64 -27.56 -1.75
N THR A 28 -8.54 -27.25 -2.42
CA THR A 28 -7.26 -27.06 -1.73
C THR A 28 -7.05 -25.64 -1.22
N GLN A 29 -7.97 -24.72 -1.55
CA GLN A 29 -7.80 -23.30 -1.31
C GLN A 29 -8.59 -22.84 -0.09
N PRO A 30 -8.19 -21.74 0.53
CA PRO A 30 -8.93 -21.24 1.71
C PRO A 30 -10.16 -20.46 1.27
N VAL A 31 -11.15 -21.19 0.78
CA VAL A 31 -12.46 -20.61 0.43
C VAL A 31 -13.53 -21.54 0.98
N PRO A 32 -14.72 -21.03 1.29
CA PRO A 32 -15.78 -21.91 1.81
C PRO A 32 -16.22 -22.92 0.76
N LYS A 33 -16.75 -24.03 1.24
CA LYS A 33 -17.28 -25.02 0.33
C LYS A 33 -18.61 -24.53 -0.26
N LEU A 34 -18.85 -24.93 -1.51
CA LEU A 34 -20.06 -24.52 -2.22
C LEU A 34 -21.32 -24.93 -1.45
N GLY A 35 -21.29 -26.09 -0.79
CA GLY A 35 -22.47 -26.61 -0.13
C GLY A 35 -22.80 -25.94 1.19
N GLU A 36 -21.80 -25.55 1.96
CA GLU A 36 -22.04 -25.06 3.32
C GLU A 36 -22.51 -23.60 3.32
N VAL A 37 -23.35 -23.28 4.30
CA VAL A 37 -23.77 -21.91 4.54
C VAL A 37 -22.83 -21.29 5.56
N VAL A 38 -22.40 -20.06 5.30
CA VAL A 38 -21.42 -19.38 6.13
C VAL A 38 -22.13 -18.61 7.23
N ASN A 39 -21.78 -18.90 8.48
CA ASN A 39 -22.44 -18.32 9.64
C ASN A 39 -21.57 -17.33 10.40
N THR A 40 -20.33 -17.11 9.95
CA THR A 40 -19.35 -16.31 10.69
C THR A 40 -18.78 -15.24 9.78
N HIS A 41 -17.91 -14.40 10.36
CA HIS A 41 -17.19 -13.34 9.65
C HIS A 41 -15.71 -13.44 10.02
N GLY A 42 -14.86 -13.75 9.05
CA GLY A 42 -13.43 -13.72 9.29
C GLY A 42 -12.62 -14.56 8.32
N PRO A 43 -11.30 -14.57 8.54
CA PRO A 43 -10.41 -15.29 7.62
C PRO A 43 -10.65 -16.80 7.68
N VAL A 44 -10.43 -17.45 6.54
CA VAL A 44 -10.57 -18.90 6.48
C VAL A 44 -9.43 -19.57 7.21
N GLU A 45 -8.22 -19.01 7.09
CA GLU A 45 -7.02 -19.52 7.74
C GLU A 45 -6.20 -18.35 8.22
N PRO A 46 -5.42 -18.51 9.28
CA PRO A 46 -4.58 -17.40 9.76
C PRO A 46 -3.52 -17.02 8.75
N ASP A 47 -3.07 -15.77 8.85
CA ASP A 47 -2.00 -15.31 7.97
C ASP A 47 -0.76 -16.16 8.14
N LYS A 48 -0.06 -16.39 7.04
CA LYS A 48 1.20 -17.12 7.04
C LYS A 48 2.33 -16.18 7.43
N ASP A 49 3.23 -16.66 8.30
CA ASP A 49 4.41 -15.87 8.65
C ASP A 49 5.67 -16.35 7.95
N ASN A 50 5.59 -17.38 7.10
N ASN A 50 5.57 -17.40 7.14
CA ASN A 50 6.69 -17.70 6.21
CA ASN A 50 6.61 -17.83 6.19
C ASN A 50 6.09 -18.03 4.85
C ASN A 50 5.98 -17.94 4.83
N ILE A 51 6.64 -17.40 3.80
CA ILE A 51 6.10 -17.48 2.44
C ILE A 51 7.13 -18.13 1.53
N ARG A 52 6.67 -19.06 0.70
CA ARG A 52 7.51 -19.70 -0.29
C ARG A 52 8.26 -18.66 -1.12
N GLN A 53 9.60 -18.79 -1.17
CA GLN A 53 10.42 -17.80 -1.86
C GLN A 53 10.54 -18.04 -3.35
N GLU A 54 10.32 -19.26 -3.81
CA GLU A 54 10.54 -19.62 -5.19
C GLU A 54 9.23 -19.65 -5.98
N PRO A 55 9.28 -19.18 -7.23
CA PRO A 55 8.10 -19.29 -8.09
C PRO A 55 7.66 -20.74 -8.25
N TYR A 56 6.36 -20.94 -8.37
CA TYR A 56 5.86 -22.28 -8.68
C TYR A 56 6.36 -22.74 -10.03
N THR A 57 6.54 -24.06 -10.16
CA THR A 57 7.05 -24.64 -11.40
C THR A 57 5.99 -24.62 -12.50
N LEU A 58 6.40 -24.17 -13.68
CA LEU A 58 5.56 -24.28 -14.88
C LEU A 58 5.90 -25.54 -15.65
N PRO A 59 4.99 -26.01 -16.51
CA PRO A 59 5.33 -27.13 -17.39
C PRO A 59 6.57 -26.81 -18.22
N GLN A 60 7.28 -27.87 -18.62
CA GLN A 60 8.52 -27.70 -19.35
C GLN A 60 8.30 -26.86 -20.60
N GLY A 61 9.21 -25.92 -20.84
CA GLY A 61 9.17 -25.08 -22.03
C GLY A 61 8.53 -23.72 -21.84
N PHE A 62 8.08 -23.40 -20.63
CA PHE A 62 7.42 -22.14 -20.32
C PHE A 62 8.11 -21.50 -19.14
N THR A 63 8.10 -20.18 -19.12
CA THR A 63 8.80 -19.42 -18.08
C THR A 63 7.95 -18.25 -17.63
N TRP A 64 8.12 -17.88 -16.36
CA TRP A 64 7.52 -16.66 -15.84
C TRP A 64 8.20 -15.43 -16.44
N ASP A 65 7.43 -14.37 -16.63
CA ASP A 65 8.00 -13.08 -17.01
C ASP A 65 7.08 -11.99 -16.50
N ALA A 66 7.59 -11.11 -15.66
CA ALA A 66 6.81 -9.96 -15.22
C ALA A 66 6.79 -8.91 -16.34
N LEU A 67 5.60 -8.42 -16.67
CA LEU A 67 5.42 -7.59 -17.86
C LEU A 67 5.48 -6.12 -17.48
N ASP A 68 6.45 -5.41 -18.05
CA ASP A 68 6.55 -3.96 -17.91
C ASP A 68 5.56 -3.34 -18.89
N LEU A 69 4.39 -2.95 -18.38
CA LEU A 69 3.37 -2.38 -19.27
C LEU A 69 3.71 -0.97 -19.71
N GLY A 70 4.76 -0.36 -19.13
CA GLY A 70 5.30 0.89 -19.64
C GLY A 70 6.14 0.74 -20.88
N ASP A 71 6.45 -0.50 -21.27
CA ASP A 71 7.09 -0.77 -22.55
C ASP A 71 5.99 -0.99 -23.58
N ARG A 72 5.95 -0.14 -24.61
CA ARG A 72 4.83 -0.16 -25.56
C ARG A 72 4.72 -1.51 -26.25
N GLY A 73 5.85 -2.12 -26.58
CA GLY A 73 5.81 -3.42 -27.25
C GLY A 73 5.22 -4.51 -26.37
N VAL A 74 5.64 -4.54 -25.10
CA VAL A 74 5.13 -5.53 -24.15
C VAL A 74 3.64 -5.33 -23.89
N LEU A 75 3.22 -4.07 -23.71
CA LEU A 75 1.80 -3.81 -23.53
C LEU A 75 1.00 -4.35 -24.72
N LYS A 76 1.54 -4.20 -25.93
CA LYS A 76 0.84 -4.67 -27.12
C LYS A 76 0.78 -6.19 -27.17
N GLU A 77 1.83 -6.88 -26.68
CA GLU A 77 1.76 -8.33 -26.58
C GLU A 77 0.62 -8.76 -25.65
N LEU A 78 0.45 -8.07 -24.53
CA LEU A 78 -0.66 -8.38 -23.64
C LEU A 78 -2.00 -8.07 -24.30
N TYR A 79 -2.11 -6.90 -24.94
CA TYR A 79 -3.31 -6.60 -25.73
C TYR A 79 -3.66 -7.76 -26.66
N THR A 80 -2.65 -8.27 -27.37
CA THR A 80 -2.89 -9.33 -28.34
C THR A 80 -3.28 -10.64 -27.66
N LEU A 81 -2.62 -10.99 -26.57
CA LEU A 81 -3.02 -12.21 -25.86
C LEU A 81 -4.49 -12.14 -25.45
N LEU A 82 -4.88 -11.03 -24.84
CA LEU A 82 -6.27 -10.87 -24.42
C LEU A 82 -7.21 -10.79 -25.61
N ASN A 83 -6.82 -10.02 -26.63
CA ASN A 83 -7.69 -9.85 -27.80
C ASN A 83 -8.01 -11.18 -28.46
N GLU A 84 -7.07 -12.13 -28.39
CA GLU A 84 -7.24 -13.40 -29.07
C GLU A 84 -7.71 -14.53 -28.15
N ASN A 85 -7.58 -14.39 -26.84
CA ASN A 85 -7.79 -15.53 -25.94
C ASN A 85 -8.59 -15.22 -24.68
N TYR A 86 -9.13 -14.02 -24.51
CA TYR A 86 -9.78 -13.68 -23.25
C TYR A 86 -11.26 -14.07 -23.33
N VAL A 87 -12.10 -13.53 -22.45
CA VAL A 87 -13.43 -14.09 -22.21
C VAL A 87 -14.33 -13.87 -23.41
N GLU A 88 -15.06 -14.92 -23.79
CA GLU A 88 -16.09 -14.88 -24.83
C GLU A 88 -17.46 -15.05 -24.20
N ASP A 89 -18.50 -14.65 -24.94
CA ASP A 89 -19.85 -14.99 -24.54
C ASP A 89 -20.04 -16.51 -24.65
N ASP A 90 -21.12 -17.02 -24.04
CA ASP A 90 -21.22 -18.47 -23.98
C ASP A 90 -21.49 -19.11 -25.33
N ASP A 91 -21.77 -18.33 -26.37
CA ASP A 91 -21.97 -18.87 -27.70
C ASP A 91 -20.76 -18.69 -28.62
N ASN A 92 -19.66 -18.14 -28.09
CA ASN A 92 -18.43 -17.95 -28.86
C ASN A 92 -18.67 -17.06 -30.08
N MET A 93 -19.37 -15.96 -29.85
CA MET A 93 -19.68 -15.00 -30.91
C MET A 93 -18.99 -13.66 -30.72
N PHE A 94 -18.68 -13.30 -29.47
CA PHE A 94 -18.07 -12.04 -29.11
C PHE A 94 -16.98 -12.30 -28.08
N ARG A 95 -15.93 -11.47 -28.10
CA ARG A 95 -14.81 -11.59 -27.18
C ARG A 95 -14.43 -10.20 -26.68
N PHE A 96 -14.08 -10.06 -25.40
CA PHE A 96 -13.64 -8.75 -24.92
C PHE A 96 -12.46 -8.26 -25.75
N ASP A 97 -12.41 -6.95 -26.00
CA ASP A 97 -11.30 -6.34 -26.74
C ASP A 97 -10.77 -5.13 -25.95
N TYR A 98 -10.23 -5.40 -24.76
CA TYR A 98 -9.64 -4.34 -23.95
C TYR A 98 -8.53 -3.64 -24.72
N SER A 99 -8.55 -2.32 -24.73
CA SER A 99 -7.53 -1.59 -25.48
C SER A 99 -6.25 -1.48 -24.67
N PRO A 100 -5.11 -1.21 -25.33
CA PRO A 100 -3.86 -1.02 -24.58
C PRO A 100 -3.96 0.08 -23.54
N GLU A 101 -4.57 1.22 -23.88
CA GLU A 101 -4.63 2.34 -22.94
C GLU A 101 -5.58 2.04 -21.79
N PHE A 102 -6.68 1.33 -22.06
CA PHE A 102 -7.55 0.84 -20.99
C PHE A 102 -6.77 -0.08 -20.06
N LEU A 103 -6.02 -1.02 -20.62
CA LEU A 103 -5.26 -1.94 -19.79
C LEU A 103 -4.32 -1.19 -18.85
N LEU A 104 -3.65 -0.14 -19.35
CA LEU A 104 -2.80 0.66 -18.48
C LEU A 104 -3.60 1.31 -17.36
N TRP A 105 -4.81 1.78 -17.68
CA TRP A 105 -5.69 2.35 -16.66
C TRP A 105 -6.04 1.30 -15.61
N ALA A 106 -6.40 0.09 -16.06
CA ALA A 106 -6.88 -0.92 -15.12
C ALA A 106 -5.74 -1.55 -14.33
N LEU A 107 -4.53 -1.56 -14.89
CA LEU A 107 -3.43 -2.31 -14.30
C LEU A 107 -2.40 -1.44 -13.61
N ARG A 108 -2.41 -0.13 -13.84
CA ARG A 108 -1.50 0.72 -13.06
C ARG A 108 -2.25 1.76 -12.23
N PRO A 109 -3.22 1.37 -11.40
CA PRO A 109 -3.78 2.33 -10.44
C PRO A 109 -2.78 2.62 -9.35
N PRO A 110 -3.09 3.55 -8.45
CA PRO A 110 -2.16 3.83 -7.33
C PRO A 110 -1.82 2.58 -6.53
N GLY A 111 -0.53 2.38 -6.28
CA GLY A 111 -0.06 1.23 -5.55
C GLY A 111 0.24 0.00 -6.38
N TRP A 112 0.13 0.09 -7.71
CA TRP A 112 0.39 -1.09 -8.56
C TRP A 112 1.83 -1.53 -8.40
N LEU A 113 2.07 -2.83 -8.56
CA LEU A 113 3.39 -3.40 -8.38
C LEU A 113 3.78 -4.19 -9.61
N PRO A 114 5.04 -4.09 -10.03
CA PRO A 114 5.45 -4.78 -11.27
C PRO A 114 5.33 -6.28 -11.20
N GLN A 115 5.66 -6.89 -10.05
N GLN A 115 5.64 -6.89 -10.04
CA GLN A 115 5.57 -8.34 -9.91
CA GLN A 115 5.57 -8.34 -9.91
C GLN A 115 4.14 -8.85 -9.99
C GLN A 115 4.14 -8.85 -9.96
N TRP A 116 3.15 -7.98 -9.82
CA TRP A 116 1.76 -8.38 -9.86
C TRP A 116 1.19 -8.36 -11.29
N HIS A 117 2.01 -8.09 -12.30
CA HIS A 117 1.62 -8.23 -13.70
C HIS A 117 2.32 -9.48 -14.21
N CYS A 118 1.68 -10.62 -13.97
CA CYS A 118 2.35 -11.93 -13.97
C CYS A 118 2.12 -12.66 -15.30
N GLY A 119 3.13 -12.63 -16.17
CA GLY A 119 3.03 -13.26 -17.47
C GLY A 119 3.69 -14.64 -17.56
N VAL A 120 3.29 -15.40 -18.58
CA VAL A 120 3.88 -16.70 -18.93
C VAL A 120 4.29 -16.65 -20.40
N ARG A 121 5.55 -17.01 -20.68
CA ARG A 121 6.04 -17.04 -22.05
C ARG A 121 6.56 -18.42 -22.42
N VAL A 122 6.50 -18.72 -23.72
CA VAL A 122 7.20 -19.87 -24.27
C VAL A 122 8.70 -19.56 -24.30
N VAL A 123 9.52 -20.47 -23.78
CA VAL A 123 10.95 -20.19 -23.65
C VAL A 123 11.57 -19.94 -25.03
N SER A 124 11.25 -20.80 -26.00
CA SER A 124 11.92 -20.75 -27.29
C SER A 124 11.51 -19.51 -28.09
N SER A 125 10.21 -19.28 -28.23
CA SER A 125 9.72 -18.20 -29.09
C SER A 125 9.50 -16.89 -28.37
N ARG A 126 9.45 -16.89 -27.03
CA ARG A 126 9.09 -15.76 -26.17
C ARG A 126 7.62 -15.37 -26.31
N LYS A 127 6.82 -16.14 -27.04
CA LYS A 127 5.42 -15.81 -27.21
C LYS A 127 4.71 -15.74 -25.87
N LEU A 128 3.94 -14.69 -25.66
CA LEU A 128 3.16 -14.56 -24.43
C LEU A 128 1.93 -15.46 -24.52
N VAL A 129 1.80 -16.39 -23.57
CA VAL A 129 0.73 -17.37 -23.58
C VAL A 129 -0.08 -17.40 -22.30
N GLY A 130 0.26 -16.62 -21.28
CA GLY A 130 -0.53 -16.63 -20.06
C GLY A 130 -0.38 -15.32 -19.31
N PHE A 131 -1.41 -14.96 -18.56
CA PHE A 131 -1.32 -13.75 -17.75
C PHE A 131 -2.28 -13.85 -16.57
N ILE A 132 -1.92 -13.14 -15.49
CA ILE A 132 -2.83 -12.89 -14.38
C ILE A 132 -2.32 -11.63 -13.69
N SER A 133 -3.22 -10.88 -13.08
CA SER A 133 -2.83 -9.62 -12.46
C SER A 133 -3.47 -9.46 -11.08
N ALA A 134 -2.78 -8.70 -10.23
CA ALA A 134 -3.35 -8.21 -8.98
C ALA A 134 -3.12 -6.71 -8.90
N ILE A 135 -4.12 -5.99 -8.37
CA ILE A 135 -3.93 -4.58 -8.02
C ILE A 135 -4.38 -4.42 -6.57
N PRO A 136 -3.79 -3.52 -5.81
CA PRO A 136 -4.18 -3.37 -4.41
C PRO A 136 -5.49 -2.63 -4.28
N ALA A 137 -6.27 -3.01 -3.28
CA ALA A 137 -7.55 -2.33 -3.04
C ALA A 137 -7.93 -2.47 -1.57
N ASN A 138 -8.36 -1.36 -0.96
CA ASN A 138 -8.96 -1.44 0.36
C ASN A 138 -10.44 -1.77 0.20
N ILE A 139 -10.87 -2.83 0.88
CA ILE A 139 -12.21 -3.38 0.66
C ILE A 139 -12.96 -3.35 1.98
N HIS A 140 -14.20 -2.86 1.93
CA HIS A 140 -15.08 -2.87 3.08
C HIS A 140 -16.07 -4.01 2.88
N ILE A 141 -16.05 -4.99 3.77
CA ILE A 141 -16.92 -6.15 3.67
C ILE A 141 -17.68 -6.25 5.00
N TYR A 142 -18.98 -6.01 4.95
CA TYR A 142 -19.81 -5.86 6.14
C TYR A 142 -19.18 -4.86 7.12
N ASP A 143 -18.77 -5.32 8.30
CA ASP A 143 -18.25 -4.41 9.31
C ASP A 143 -16.72 -4.41 9.38
N THR A 144 -16.05 -4.92 8.35
CA THR A 144 -14.59 -5.00 8.34
C THR A 144 -14.04 -4.27 7.12
N GLU A 145 -13.02 -3.45 7.33
CA GLU A 145 -12.23 -2.85 6.28
C GLU A 145 -10.89 -3.56 6.25
N LYS A 146 -10.46 -3.99 5.07
CA LYS A 146 -9.16 -4.65 5.02
C LYS A 146 -8.47 -4.41 3.68
N LYS A 147 -7.14 -4.37 3.74
CA LYS A 147 -6.35 -4.29 2.53
C LYS A 147 -6.36 -5.65 1.83
N MET A 148 -6.73 -5.64 0.55
CA MET A 148 -6.85 -6.84 -0.26
C MET A 148 -6.17 -6.59 -1.60
N VAL A 149 -6.23 -7.58 -2.49
CA VAL A 149 -6.00 -7.30 -3.91
C VAL A 149 -7.26 -7.65 -4.67
N GLU A 150 -7.36 -7.07 -5.87
CA GLU A 150 -8.34 -7.48 -6.87
C GLU A 150 -7.60 -8.22 -7.97
N ILE A 151 -8.05 -9.44 -8.26
CA ILE A 151 -7.48 -10.28 -9.30
C ILE A 151 -8.31 -10.11 -10.56
N ASN A 152 -7.64 -10.00 -11.70
CA ASN A 152 -8.32 -9.78 -12.97
C ASN A 152 -7.40 -10.25 -14.09
N PHE A 153 -7.98 -10.38 -15.28
CA PHE A 153 -7.24 -10.64 -16.50
C PHE A 153 -6.52 -11.99 -16.48
N LEU A 154 -7.08 -12.96 -15.77
CA LEU A 154 -6.56 -14.32 -15.88
C LEU A 154 -6.85 -14.86 -17.28
N CYS A 155 -5.80 -15.25 -17.99
CA CYS A 155 -5.92 -15.63 -19.39
C CYS A 155 -4.87 -16.67 -19.73
N VAL A 156 -5.31 -17.77 -20.32
CA VAL A 156 -4.44 -18.81 -20.84
C VAL A 156 -4.70 -18.92 -22.33
N HIS A 157 -3.62 -18.94 -23.12
CA HIS A 157 -3.76 -19.11 -24.56
C HIS A 157 -4.58 -20.34 -24.88
N LYS A 158 -5.45 -20.21 -25.90
CA LYS A 158 -6.34 -21.30 -26.26
C LYS A 158 -5.60 -22.62 -26.50
N LYS A 159 -4.39 -22.55 -27.05
CA LYS A 159 -3.64 -23.77 -27.32
C LYS A 159 -3.00 -24.37 -26.08
N LEU A 160 -3.09 -23.70 -24.94
CA LEU A 160 -2.50 -24.19 -23.70
C LEU A 160 -3.56 -24.56 -22.66
N ARG A 161 -4.84 -24.54 -23.05
CA ARG A 161 -5.94 -24.77 -22.14
C ARG A 161 -6.00 -26.24 -21.69
N SER A 162 -6.74 -26.45 -20.59
CA SER A 162 -7.02 -27.78 -20.06
C SER A 162 -5.75 -28.53 -19.69
N LYS A 163 -4.69 -27.79 -19.36
CA LYS A 163 -3.41 -28.38 -18.98
C LYS A 163 -2.97 -27.89 -17.61
N ARG A 164 -3.94 -27.50 -16.78
CA ARG A 164 -3.71 -27.09 -15.39
C ARG A 164 -2.74 -25.93 -15.28
N VAL A 165 -2.73 -25.05 -16.28
CA VAL A 165 -1.88 -23.86 -16.18
C VAL A 165 -2.58 -22.77 -15.35
N ALA A 166 -3.90 -22.68 -15.41
CA ALA A 166 -4.58 -21.66 -14.59
C ALA A 166 -4.35 -21.86 -13.09
N PRO A 167 -4.43 -23.07 -12.53
CA PRO A 167 -4.11 -23.21 -11.09
C PRO A 167 -2.71 -22.74 -10.75
N VAL A 168 -1.73 -22.95 -11.65
CA VAL A 168 -0.37 -22.48 -11.39
C VAL A 168 -0.32 -20.95 -11.37
N LEU A 169 -1.02 -20.32 -12.32
CA LEU A 169 -1.13 -18.86 -12.31
C LEU A 169 -1.77 -18.36 -11.02
N ILE A 170 -2.82 -19.02 -10.55
CA ILE A 170 -3.49 -18.55 -9.33
C ILE A 170 -2.55 -18.69 -8.13
N ARG A 171 -1.89 -19.84 -8.01
CA ARG A 171 -0.97 -20.04 -6.89
C ARG A 171 0.20 -19.07 -6.95
N GLU A 172 0.70 -18.79 -8.14
CA GLU A 172 1.84 -17.88 -8.25
C GLU A 172 1.45 -16.45 -7.91
N ILE A 173 0.29 -15.97 -8.35
CA ILE A 173 -0.08 -14.61 -7.93
C ILE A 173 -0.38 -14.57 -6.44
N THR A 174 -0.97 -15.65 -5.90
CA THR A 174 -1.22 -15.73 -4.47
C THR A 174 0.08 -15.58 -3.69
N ARG A 175 1.11 -16.31 -4.12
CA ARG A 175 2.43 -16.24 -3.48
C ARG A 175 2.98 -14.81 -3.53
N ARG A 176 2.90 -14.17 -4.71
CA ARG A 176 3.46 -12.84 -4.86
C ARG A 176 2.70 -11.81 -4.04
N VAL A 177 1.40 -12.03 -3.83
CA VAL A 177 0.62 -11.13 -2.97
C VAL A 177 0.94 -11.39 -1.51
N HIS A 178 1.05 -12.67 -1.13
CA HIS A 178 1.48 -13.03 0.23
C HIS A 178 2.80 -12.36 0.60
N LEU A 179 3.72 -12.26 -0.36
CA LEU A 179 5.04 -11.69 -0.02
C LEU A 179 4.92 -10.24 0.40
N GLU A 180 3.88 -9.54 -0.06
CA GLU A 180 3.63 -8.15 0.29
C GLU A 180 2.73 -8.01 1.51
N GLY A 181 2.44 -9.12 2.19
CA GLY A 181 1.72 -9.06 3.43
C GLY A 181 0.21 -9.03 3.32
N ILE A 182 -0.34 -9.36 2.15
CA ILE A 182 -1.79 -9.31 1.91
C ILE A 182 -2.31 -10.74 1.82
N PHE A 183 -3.43 -11.01 2.51
CA PHE A 183 -3.91 -12.38 2.62
C PHE A 183 -5.36 -12.56 2.21
N GLN A 184 -6.00 -11.53 1.66
CA GLN A 184 -7.35 -11.64 1.13
C GLN A 184 -7.39 -11.04 -0.27
N ALA A 185 -8.36 -11.50 -1.08
CA ALA A 185 -8.53 -10.96 -2.41
C ALA A 185 -10.01 -10.97 -2.76
N VAL A 186 -10.37 -10.14 -3.74
CA VAL A 186 -11.69 -10.14 -4.32
C VAL A 186 -11.55 -10.35 -5.83
N TYR A 187 -12.49 -11.10 -6.41
CA TYR A 187 -12.44 -11.40 -7.83
C TYR A 187 -13.85 -11.75 -8.27
N THR A 188 -14.06 -11.69 -9.58
CA THR A 188 -15.35 -12.00 -10.18
C THR A 188 -15.15 -12.99 -11.33
N ALA A 189 -16.23 -13.68 -11.68
CA ALA A 189 -16.19 -14.59 -12.81
C ALA A 189 -17.61 -14.88 -13.26
N GLY A 190 -17.73 -15.32 -14.52
CA GLY A 190 -19.01 -15.77 -15.02
C GLY A 190 -19.34 -17.22 -14.70
N VAL A 191 -18.38 -17.98 -14.19
CA VAL A 191 -18.58 -19.36 -13.83
C VAL A 191 -18.78 -19.45 -12.32
N VAL A 192 -19.40 -20.54 -11.88
CA VAL A 192 -19.62 -20.78 -10.46
C VAL A 192 -18.43 -21.53 -9.87
N LEU A 193 -17.86 -21.00 -8.81
CA LEU A 193 -16.75 -21.55 -8.06
C LEU A 193 -17.13 -21.53 -6.58
N PRO A 194 -16.40 -22.28 -5.75
CA PRO A 194 -16.55 -22.08 -4.29
C PRO A 194 -15.90 -20.76 -3.91
N LYS A 195 -16.65 -19.85 -3.29
CA LYS A 195 -18.11 -19.86 -3.15
C LYS A 195 -18.55 -18.40 -3.27
N PRO A 196 -19.57 -18.11 -4.08
CA PRO A 196 -19.92 -16.71 -4.34
C PRO A 196 -20.39 -16.00 -3.07
N VAL A 197 -19.85 -14.80 -2.85
CA VAL A 197 -20.42 -13.95 -1.82
C VAL A 197 -21.62 -13.18 -2.36
N GLY A 198 -21.74 -13.06 -3.67
CA GLY A 198 -22.89 -12.39 -4.28
C GLY A 198 -22.96 -12.75 -5.74
N THR A 199 -24.19 -12.83 -6.26
CA THR A 199 -24.45 -13.21 -7.64
C THR A 199 -25.18 -12.07 -8.34
N CYS A 200 -24.53 -11.47 -9.33
CA CYS A 200 -25.08 -10.37 -10.09
C CYS A 200 -25.38 -10.83 -11.51
N ARG A 201 -26.15 -10.01 -12.21
CA ARG A 201 -26.51 -10.33 -13.58
C ARG A 201 -26.37 -9.08 -14.45
N TYR A 202 -25.73 -9.25 -15.61
CA TYR A 202 -25.68 -8.17 -16.57
C TYR A 202 -27.03 -7.97 -17.25
N TRP A 203 -27.38 -6.70 -17.47
CA TRP A 203 -28.46 -6.24 -18.32
C TRP A 203 -27.87 -5.36 -19.41
N HIS A 204 -28.61 -5.23 -20.51
CA HIS A 204 -28.10 -4.55 -21.70
C HIS A 204 -29.13 -3.56 -22.22
N ARG A 205 -28.69 -2.35 -22.55
CA ARG A 205 -29.58 -1.32 -23.10
C ARG A 205 -29.15 -1.03 -24.54
N SER A 206 -29.98 -1.47 -25.50
CA SER A 206 -29.71 -1.21 -26.92
C SER A 206 -29.61 0.28 -27.20
N LEU A 207 -28.50 0.69 -27.82
CA LEU A 207 -28.35 2.05 -28.32
C LEU A 207 -28.41 2.13 -29.83
N ASN A 208 -27.79 1.18 -30.53
CA ASN A 208 -27.89 1.04 -31.99
C ASN A 208 -28.52 -0.31 -32.28
N PRO A 209 -29.84 -0.44 -32.15
CA PRO A 209 -30.46 -1.77 -32.23
C PRO A 209 -30.29 -2.44 -33.58
N ARG A 210 -30.18 -1.68 -34.68
CA ARG A 210 -30.02 -2.29 -35.98
C ARG A 210 -28.71 -3.05 -36.07
N LYS A 211 -27.61 -2.43 -35.64
CA LYS A 211 -26.33 -3.14 -35.63
C LYS A 211 -26.38 -4.33 -34.68
N LEU A 212 -26.95 -4.15 -33.49
CA LEU A 212 -26.97 -5.23 -32.51
C LEU A 212 -27.73 -6.45 -33.03
N ILE A 213 -28.83 -6.22 -33.75
CA ILE A 213 -29.60 -7.33 -34.30
C ILE A 213 -28.87 -7.96 -35.48
N GLU A 214 -28.26 -7.15 -36.34
CA GLU A 214 -27.57 -7.69 -37.51
C GLU A 214 -26.44 -8.63 -37.11
N VAL A 215 -25.70 -8.30 -36.04
CA VAL A 215 -24.61 -9.14 -35.58
C VAL A 215 -25.08 -10.20 -34.59
N LYS A 216 -26.39 -10.29 -34.35
CA LYS A 216 -26.99 -11.27 -33.45
C LYS A 216 -26.45 -11.17 -32.03
N PHE A 217 -26.04 -9.97 -31.63
CA PHE A 217 -25.88 -9.70 -30.21
C PHE A 217 -27.23 -9.63 -29.53
N SER A 218 -28.22 -9.06 -30.20
N SER A 218 -28.21 -9.06 -30.21
CA SER A 218 -29.59 -9.01 -29.73
CA SER A 218 -29.59 -8.97 -29.74
C SER A 218 -30.50 -9.57 -30.81
C SER A 218 -30.50 -9.59 -30.79
N HIS A 219 -31.75 -9.84 -30.44
N HIS A 219 -31.76 -9.79 -30.42
CA HIS A 219 -32.74 -10.37 -31.36
CA HIS A 219 -32.75 -10.37 -31.32
C HIS A 219 -34.02 -9.55 -31.27
C HIS A 219 -34.04 -9.57 -31.25
N LEU A 220 -34.81 -9.60 -32.33
CA LEU A 220 -36.09 -8.92 -32.36
C LEU A 220 -37.04 -9.53 -31.34
N SER A 221 -37.63 -8.69 -30.49
CA SER A 221 -38.60 -9.17 -29.52
C SER A 221 -39.79 -9.80 -30.22
N ARG A 222 -40.45 -10.71 -29.51
CA ARG A 222 -41.59 -11.43 -30.08
C ARG A 222 -42.68 -10.44 -30.50
N ASN A 223 -43.10 -10.54 -31.75
CA ASN A 223 -44.11 -9.64 -32.33
C ASN A 223 -43.68 -8.17 -32.24
N MET A 224 -42.45 -7.91 -32.70
CA MET A 224 -41.94 -6.55 -32.82
C MET A 224 -41.15 -6.44 -34.13
N THR A 225 -41.47 -5.42 -34.93
CA THR A 225 -40.71 -5.18 -36.15
C THR A 225 -39.46 -4.38 -35.84
N MET A 226 -38.55 -4.33 -36.82
CA MET A 226 -37.35 -3.50 -36.67
C MET A 226 -37.73 -2.02 -36.54
N GLN A 227 -38.69 -1.56 -37.33
CA GLN A 227 -39.18 -0.19 -37.22
C GLN A 227 -39.63 0.12 -35.80
N ARG A 228 -40.48 -0.75 -35.24
CA ARG A 228 -40.91 -0.60 -33.85
C ARG A 228 -39.71 -0.64 -32.89
N THR A 229 -38.75 -1.53 -33.16
CA THR A 229 -37.59 -1.64 -32.27
C THR A 229 -36.77 -0.36 -32.29
N MET A 230 -36.67 0.30 -33.44
CA MET A 230 -35.92 1.55 -33.53
C MET A 230 -36.60 2.66 -32.72
N LYS A 231 -37.92 2.79 -32.87
CA LYS A 231 -38.65 3.80 -32.11
C LYS A 231 -38.60 3.52 -30.62
N LEU A 232 -38.69 2.24 -30.25
CA LEU A 232 -38.68 1.88 -28.83
C LEU A 232 -37.42 2.39 -28.14
N TYR A 233 -36.27 2.19 -28.77
CA TYR A 233 -35.00 2.51 -28.13
C TYR A 233 -34.50 3.92 -28.46
N ARG A 234 -35.27 4.70 -29.20
CA ARG A 234 -34.87 6.05 -29.56
C ARG A 234 -34.65 6.90 -28.31
N LEU A 235 -33.61 7.72 -28.32
CA LEU A 235 -33.26 8.55 -27.18
C LEU A 235 -33.23 10.02 -27.57
N PRO A 236 -33.41 10.94 -26.62
CA PRO A 236 -33.18 12.36 -26.91
C PRO A 236 -31.75 12.60 -27.41
N GLU A 237 -31.57 13.72 -28.11
CA GLU A 237 -30.25 14.04 -28.63
C GLU A 237 -29.32 14.64 -27.57
N THR A 238 -29.89 15.29 -26.56
CA THR A 238 -29.08 15.87 -25.50
C THR A 238 -29.64 15.49 -24.14
N PRO A 239 -28.78 15.43 -23.13
CA PRO A 239 -29.27 15.10 -21.78
C PRO A 239 -30.12 16.21 -21.20
N LYS A 240 -30.90 15.86 -20.18
CA LYS A 240 -31.86 16.80 -19.62
C LYS A 240 -31.46 17.40 -18.29
N THR A 241 -30.56 16.76 -17.52
CA THR A 241 -30.25 17.24 -16.18
C THR A 241 -29.49 18.57 -16.24
N ALA A 242 -30.03 19.57 -15.55
CA ALA A 242 -29.40 20.88 -15.46
C ALA A 242 -28.00 20.77 -14.86
N GLY A 243 -27.06 21.48 -15.48
CA GLY A 243 -25.71 21.58 -14.94
C GLY A 243 -24.86 20.34 -15.11
N LEU A 244 -25.29 19.39 -15.92
CA LEU A 244 -24.47 18.21 -16.20
C LEU A 244 -23.28 18.61 -17.07
N ARG A 245 -22.08 18.15 -16.70
CA ARG A 245 -20.87 18.49 -17.43
C ARG A 245 -19.81 17.45 -17.09
N PRO A 246 -18.76 17.33 -17.92
CA PRO A 246 -17.69 16.39 -17.59
C PRO A 246 -16.99 16.76 -16.30
N MET A 247 -16.53 15.73 -15.60
CA MET A 247 -15.73 15.91 -14.40
C MET A 247 -14.41 16.60 -14.75
N GLU A 248 -14.00 17.53 -13.89
CA GLU A 248 -12.75 18.24 -14.02
C GLU A 248 -11.92 18.03 -12.76
N THR A 249 -10.68 18.49 -12.84
CA THR A 249 -9.75 18.31 -11.73
C THR A 249 -10.29 18.91 -10.44
N LYS A 250 -10.94 20.07 -10.52
CA LYS A 250 -11.45 20.71 -9.31
C LYS A 250 -12.55 19.89 -8.64
N ASP A 251 -13.12 18.89 -9.33
CA ASP A 251 -14.19 18.05 -8.80
C ASP A 251 -13.68 16.84 -8.04
N ILE A 252 -12.38 16.55 -8.11
CA ILE A 252 -11.85 15.33 -7.48
C ILE A 252 -12.26 15.22 -6.01
N PRO A 253 -12.09 16.27 -5.18
CA PRO A 253 -12.49 16.11 -3.77
C PRO A 253 -13.97 15.81 -3.57
N VAL A 254 -14.86 16.57 -4.24
CA VAL A 254 -16.28 16.34 -3.98
C VAL A 254 -16.73 14.98 -4.55
N VAL A 255 -16.16 14.54 -5.67
CA VAL A 255 -16.51 13.22 -6.18
C VAL A 255 -16.07 12.15 -5.18
N HIS A 256 -14.89 12.33 -4.58
CA HIS A 256 -14.48 11.41 -3.53
C HIS A 256 -15.45 11.45 -2.35
N GLN A 257 -15.88 12.65 -1.95
CA GLN A 257 -16.80 12.79 -0.84
C GLN A 257 -18.14 12.13 -1.14
N LEU A 258 -18.72 12.43 -2.30
CA LEU A 258 -20.01 11.83 -2.66
C LEU A 258 -19.92 10.32 -2.69
N LEU A 259 -18.89 9.79 -3.34
CA LEU A 259 -18.76 8.34 -3.49
C LEU A 259 -18.62 7.67 -2.13
N THR A 260 -17.75 8.21 -1.28
CA THR A 260 -17.51 7.61 0.03
C THR A 260 -18.81 7.56 0.84
N ARG A 261 -19.60 8.62 0.81
CA ARG A 261 -20.83 8.63 1.61
C ARG A 261 -21.88 7.72 0.99
N TYR A 262 -21.97 7.72 -0.34
CA TYR A 262 -22.96 6.88 -1.00
C TYR A 262 -22.70 5.39 -0.78
N LEU A 263 -21.43 4.97 -0.78
CA LEU A 263 -21.14 3.54 -0.71
C LEU A 263 -21.38 2.95 0.68
N LYS A 264 -21.60 3.77 1.71
CA LYS A 264 -21.78 3.21 3.05
C LYS A 264 -22.98 2.28 3.13
N GLN A 265 -23.98 2.47 2.27
CA GLN A 265 -25.20 1.68 2.37
C GLN A 265 -25.05 0.25 1.85
N PHE A 266 -23.96 -0.09 1.17
CA PHE A 266 -23.80 -1.44 0.66
C PHE A 266 -22.84 -2.23 1.54
N HIS A 267 -22.74 -3.54 1.27
CA HIS A 267 -21.99 -4.46 2.12
C HIS A 267 -20.67 -4.92 1.54
N LEU A 268 -20.43 -4.72 0.25
CA LEU A 268 -19.14 -5.01 -0.37
C LEU A 268 -18.80 -3.81 -1.26
N THR A 269 -17.82 -3.01 -0.84
CA THR A 269 -17.49 -1.77 -1.51
C THR A 269 -15.98 -1.55 -1.49
N PRO A 270 -15.45 -0.75 -2.42
CA PRO A 270 -14.10 -0.23 -2.25
C PRO A 270 -14.09 0.94 -1.30
N VAL A 271 -12.93 1.16 -0.71
CA VAL A 271 -12.63 2.37 0.07
C VAL A 271 -11.49 3.05 -0.68
N MET A 272 -11.81 4.11 -1.42
CA MET A 272 -10.83 4.75 -2.28
C MET A 272 -10.24 5.96 -1.59
N SER A 273 -8.93 6.14 -1.75
CA SER A 273 -8.32 7.41 -1.40
C SER A 273 -8.69 8.45 -2.45
N GLN A 274 -8.36 9.71 -2.15
CA GLN A 274 -8.62 10.75 -3.14
C GLN A 274 -7.79 10.53 -4.40
N GLU A 275 -6.57 9.98 -4.26
CA GLU A 275 -5.77 9.67 -5.44
C GLU A 275 -6.39 8.54 -6.25
N GLU A 276 -6.96 7.56 -5.57
CA GLU A 276 -7.64 6.51 -6.32
C GLU A 276 -8.89 7.04 -7.02
N VAL A 277 -9.58 8.00 -6.40
CA VAL A 277 -10.75 8.59 -7.05
C VAL A 277 -10.33 9.32 -8.31
N GLU A 278 -9.23 10.08 -8.22
CA GLU A 278 -8.68 10.71 -9.42
C GLU A 278 -8.41 9.67 -10.50
N HIS A 279 -7.76 8.57 -10.14
CA HIS A 279 -7.42 7.58 -11.16
C HIS A 279 -8.66 6.97 -11.78
N TRP A 280 -9.60 6.55 -10.96
CA TRP A 280 -10.69 5.75 -11.49
C TRP A 280 -11.76 6.59 -12.18
N PHE A 281 -11.84 7.90 -11.90
CA PHE A 281 -12.93 8.69 -12.44
C PHE A 281 -12.54 9.84 -13.35
N TYR A 282 -11.32 10.35 -13.26
CA TYR A 282 -10.97 11.50 -14.10
C TYR A 282 -11.07 11.11 -15.57
N PRO A 283 -11.77 11.89 -16.39
CA PRO A 283 -12.12 11.38 -17.74
C PRO A 283 -10.89 11.14 -18.61
N GLN A 284 -10.91 10.02 -19.33
CA GLN A 284 -9.93 9.74 -20.37
C GLN A 284 -10.69 9.20 -21.56
N GLU A 285 -10.55 9.85 -22.70
CA GLU A 285 -11.36 9.49 -23.86
C GLU A 285 -11.13 8.03 -24.22
N ASN A 286 -12.23 7.32 -24.51
CA ASN A 286 -12.22 5.92 -24.91
C ASN A 286 -11.79 4.98 -23.78
N ILE A 287 -11.79 5.46 -22.55
CA ILE A 287 -11.52 4.63 -21.39
C ILE A 287 -12.58 4.82 -20.30
N ILE A 288 -12.69 6.03 -19.76
CA ILE A 288 -13.57 6.29 -18.62
C ILE A 288 -14.20 7.66 -18.81
N ASP A 289 -15.52 7.71 -18.66
CA ASP A 289 -16.29 8.95 -18.73
C ASP A 289 -16.95 9.18 -17.39
N THR A 290 -16.83 10.40 -16.88
CA THR A 290 -17.51 10.77 -15.64
C THR A 290 -18.11 12.16 -15.87
N PHE A 291 -19.40 12.27 -15.57
CA PHE A 291 -20.11 13.55 -15.66
C PHE A 291 -20.67 13.89 -14.28
N VAL A 292 -20.47 15.14 -13.84
CA VAL A 292 -20.98 15.62 -12.56
C VAL A 292 -22.16 16.56 -12.81
N VAL A 293 -23.01 16.70 -11.80
CA VAL A 293 -24.11 17.68 -11.82
C VAL A 293 -23.67 18.85 -10.96
N GLU A 294 -23.42 20.01 -11.57
CA GLU A 294 -23.11 21.22 -10.82
C GLU A 294 -24.35 22.10 -10.86
N ASN A 295 -24.93 22.35 -9.68
CA ASN A 295 -26.25 22.96 -9.60
C ASN A 295 -26.14 24.49 -9.70
N ALA A 296 -27.26 25.17 -9.43
CA ALA A 296 -27.38 26.61 -9.60
C ALA A 296 -26.57 27.38 -8.56
N ASN A 297 -26.13 26.71 -7.49
CA ASN A 297 -25.25 27.28 -6.48
C ASN A 297 -23.79 26.94 -6.72
N GLY A 298 -23.49 26.21 -7.79
CA GLY A 298 -22.13 25.81 -8.06
C GLY A 298 -21.67 24.58 -7.31
N GLU A 299 -22.57 23.85 -6.66
CA GLU A 299 -22.20 22.66 -5.90
C GLU A 299 -22.43 21.42 -6.74
N VAL A 300 -21.48 20.49 -6.66
CA VAL A 300 -21.61 19.19 -7.32
C VAL A 300 -22.37 18.25 -6.39
N THR A 301 -23.53 17.76 -6.87
CA THR A 301 -24.46 17.00 -6.05
C THR A 301 -24.64 15.56 -6.53
N ASP A 302 -24.18 15.23 -7.73
CA ASP A 302 -24.38 13.91 -8.33
C ASP A 302 -23.25 13.66 -9.30
N PHE A 303 -23.03 12.39 -9.64
CA PHE A 303 -22.23 12.10 -10.82
C PHE A 303 -22.60 10.74 -11.37
N LEU A 304 -22.34 10.57 -12.66
CA LEU A 304 -22.50 9.30 -13.36
C LEU A 304 -21.16 8.95 -14.00
N SER A 305 -20.91 7.66 -14.19
CA SER A 305 -19.69 7.29 -14.88
C SER A 305 -19.88 5.96 -15.58
N PHE A 306 -19.11 5.75 -16.63
CA PHE A 306 -19.14 4.48 -17.36
C PHE A 306 -17.81 4.30 -18.07
N TYR A 307 -17.34 3.05 -18.21
CA TYR A 307 -16.11 2.82 -18.92
C TYR A 307 -16.33 2.16 -20.28
N THR A 308 -15.30 2.28 -21.11
CA THR A 308 -15.35 1.87 -22.52
C THR A 308 -14.70 0.51 -22.67
N LEU A 309 -15.46 -0.47 -23.16
CA LEU A 309 -14.93 -1.82 -23.32
C LEU A 309 -15.59 -2.45 -24.53
N PRO A 310 -14.97 -2.34 -25.69
CA PRO A 310 -15.54 -2.92 -26.91
C PRO A 310 -15.32 -4.43 -26.95
N SER A 311 -16.04 -5.09 -27.85
CA SER A 311 -15.87 -6.51 -28.05
C SER A 311 -15.59 -6.76 -29.52
N THR A 312 -14.81 -7.81 -29.77
CA THR A 312 -14.62 -8.30 -31.12
C THR A 312 -15.84 -9.13 -31.50
N ILE A 313 -16.31 -8.96 -32.73
CA ILE A 313 -17.34 -9.81 -33.31
C ILE A 313 -16.62 -10.87 -34.13
N MET A 314 -16.61 -12.12 -33.65
CA MET A 314 -15.80 -13.15 -34.29
C MET A 314 -16.38 -13.59 -35.64
N ASN A 315 -15.48 -13.74 -36.61
CA ASN A 315 -15.80 -14.36 -37.90
C ASN A 315 -16.91 -13.63 -38.63
N HIS A 316 -16.96 -12.31 -38.51
CA HIS A 316 -18.00 -11.58 -39.19
C HIS A 316 -17.42 -10.78 -40.34
N PRO A 317 -17.96 -10.95 -41.54
CA PRO A 317 -17.36 -10.30 -42.72
C PRO A 317 -17.38 -8.78 -42.69
N THR A 318 -18.41 -8.17 -42.12
CA THR A 318 -18.57 -6.72 -42.23
C THR A 318 -18.38 -6.00 -40.89
N HIS A 319 -19.12 -6.40 -39.87
CA HIS A 319 -19.04 -5.75 -38.57
C HIS A 319 -17.98 -6.47 -37.73
N LYS A 320 -16.92 -5.76 -37.37
CA LYS A 320 -15.80 -6.40 -36.68
C LYS A 320 -15.81 -6.18 -35.18
N SER A 321 -16.54 -5.17 -34.70
CA SER A 321 -16.44 -4.77 -33.32
C SER A 321 -17.76 -4.17 -32.88
N LEU A 322 -18.03 -4.29 -31.58
CA LEU A 322 -19.19 -3.71 -30.93
C LEU A 322 -18.66 -2.76 -29.86
N LYS A 323 -19.11 -1.50 -29.88
CA LYS A 323 -18.66 -0.51 -28.89
C LYS A 323 -19.62 -0.54 -27.70
N ALA A 324 -19.13 -0.96 -26.54
CA ALA A 324 -19.96 -1.10 -25.35
C ALA A 324 -19.50 -0.17 -24.23
N ALA A 325 -20.47 0.43 -23.56
CA ALA A 325 -20.26 1.20 -22.34
C ALA A 325 -20.71 0.35 -21.16
N TYR A 326 -19.94 0.37 -20.08
CA TYR A 326 -20.27 -0.35 -18.85
C TYR A 326 -20.50 0.65 -17.73
N SER A 327 -21.68 0.56 -17.11
CA SER A 327 -21.99 1.35 -15.92
C SER A 327 -20.93 1.12 -14.85
N PHE A 328 -20.44 2.22 -14.25
CA PHE A 328 -19.35 2.13 -13.29
C PHE A 328 -19.93 2.48 -11.95
N TYR A 329 -19.71 3.69 -11.42
CA TYR A 329 -20.33 4.13 -10.18
C TYR A 329 -21.18 5.35 -10.46
N ASN A 330 -22.44 5.31 -10.00
CA ASN A 330 -23.40 6.38 -10.19
C ASN A 330 -23.90 6.80 -8.82
N VAL A 331 -23.70 8.08 -8.49
CA VAL A 331 -23.99 8.59 -7.15
C VAL A 331 -25.00 9.71 -7.30
N HIS A 332 -26.12 9.60 -6.60
CA HIS A 332 -27.19 10.59 -6.62
C HIS A 332 -27.46 11.08 -5.20
N THR A 333 -27.53 12.40 -5.03
CA THR A 333 -28.05 12.99 -3.80
C THR A 333 -29.15 14.02 -4.04
N GLN A 334 -29.23 14.61 -5.23
CA GLN A 334 -30.27 15.61 -5.50
C GLN A 334 -31.03 15.32 -6.79
N THR A 335 -30.38 14.70 -7.75
CA THR A 335 -30.96 14.28 -9.03
C THR A 335 -31.46 12.85 -8.91
N PRO A 336 -32.68 12.54 -9.34
CA PRO A 336 -33.13 11.14 -9.28
C PRO A 336 -32.20 10.23 -10.07
N LEU A 337 -31.95 9.04 -9.51
CA LEU A 337 -31.10 8.06 -10.19
C LEU A 337 -31.62 7.76 -11.60
N LEU A 338 -32.94 7.69 -11.76
CA LEU A 338 -33.53 7.42 -13.05
C LEU A 338 -33.12 8.46 -14.09
N ASP A 339 -33.17 9.75 -13.71
CA ASP A 339 -32.78 10.82 -14.63
C ASP A 339 -31.29 10.77 -14.92
N LEU A 340 -30.46 10.52 -13.89
CA LEU A 340 -29.03 10.36 -14.08
C LEU A 340 -28.73 9.30 -15.14
N MET A 341 -29.35 8.13 -15.00
CA MET A 341 -29.03 7.03 -15.91
C MET A 341 -29.60 7.27 -17.29
N SER A 342 -30.76 7.93 -17.38
CA SER A 342 -31.28 8.35 -18.67
C SER A 342 -30.27 9.23 -19.40
N ASP A 343 -29.67 10.18 -18.68
CA ASP A 343 -28.64 11.02 -19.28
C ASP A 343 -27.38 10.23 -19.62
N ALA A 344 -27.05 9.21 -18.81
CA ALA A 344 -25.92 8.36 -19.16
C ALA A 344 -26.15 7.67 -20.50
N LEU A 345 -27.37 7.20 -20.73
CA LEU A 345 -27.69 6.57 -22.01
C LEU A 345 -27.54 7.55 -23.15
N VAL A 346 -28.08 8.76 -22.98
CA VAL A 346 -27.97 9.79 -24.01
C VAL A 346 -26.51 10.11 -24.30
N LEU A 347 -25.69 10.23 -23.25
CA LEU A 347 -24.27 10.52 -23.44
C LEU A 347 -23.59 9.38 -24.19
N ALA A 348 -23.87 8.13 -23.81
CA ALA A 348 -23.25 7.01 -24.50
C ALA A 348 -23.67 6.96 -25.96
N LYS A 349 -24.96 7.20 -26.24
CA LYS A 349 -25.39 7.24 -27.63
C LYS A 349 -24.62 8.31 -28.40
N MET A 350 -24.51 9.52 -27.82
CA MET A 350 -23.78 10.60 -28.45
C MET A 350 -22.32 10.22 -28.74
N LYS A 351 -21.69 9.46 -27.85
CA LYS A 351 -20.29 9.08 -27.99
C LYS A 351 -20.08 7.86 -28.89
N GLY A 352 -21.12 7.38 -29.56
CA GLY A 352 -20.96 6.32 -30.53
C GLY A 352 -21.07 4.90 -30.02
N PHE A 353 -21.52 4.69 -28.78
CA PHE A 353 -21.65 3.34 -28.26
C PHE A 353 -22.83 2.61 -28.89
N ASP A 354 -22.69 1.29 -29.03
CA ASP A 354 -23.75 0.47 -29.59
C ASP A 354 -24.68 -0.10 -28.52
N VAL A 355 -24.19 -0.22 -27.29
CA VAL A 355 -24.96 -0.82 -26.20
C VAL A 355 -24.42 -0.27 -24.90
N PHE A 356 -25.28 -0.20 -23.89
CA PHE A 356 -24.93 0.26 -22.55
C PHE A 356 -25.23 -0.89 -21.60
N ASN A 357 -24.20 -1.37 -20.91
CA ASN A 357 -24.34 -2.50 -20.01
C ASN A 357 -24.36 -2.03 -18.55
N ALA A 358 -25.15 -2.71 -17.74
CA ALA A 358 -25.18 -2.45 -16.31
C ALA A 358 -25.56 -3.72 -15.57
N LEU A 359 -24.96 -3.89 -14.39
CA LEU A 359 -25.26 -5.00 -13.51
C LEU A 359 -26.53 -4.68 -12.70
N ASP A 360 -27.08 -5.71 -12.04
CA ASP A 360 -28.22 -5.50 -11.17
C ASP A 360 -27.82 -5.20 -9.72
N LEU A 361 -26.59 -4.73 -9.49
CA LEU A 361 -26.13 -4.44 -8.15
C LEU A 361 -26.48 -3.01 -7.75
N MET A 362 -26.02 -2.60 -6.56
CA MET A 362 -26.38 -1.34 -5.93
C MET A 362 -27.88 -1.10 -6.10
N GLU A 363 -28.27 0.12 -6.50
CA GLU A 363 -29.68 0.41 -6.72
C GLU A 363 -30.10 0.25 -8.18
N ASN A 364 -29.34 -0.51 -8.98
CA ASN A 364 -29.58 -0.51 -10.42
C ASN A 364 -30.92 -1.13 -10.79
N LYS A 365 -31.43 -2.06 -9.97
CA LYS A 365 -32.74 -2.62 -10.31
C LYS A 365 -33.84 -1.57 -10.28
N THR A 366 -33.65 -0.45 -9.59
CA THR A 366 -34.67 0.59 -9.60
C THR A 366 -34.83 1.26 -10.97
N PHE A 367 -33.89 1.11 -11.89
CA PHE A 367 -34.05 1.75 -13.19
C PHE A 367 -33.94 0.81 -14.39
N LEU A 368 -33.51 -0.45 -14.20
CA LEU A 368 -33.16 -1.28 -15.35
C LEU A 368 -34.37 -1.49 -16.26
N GLU A 369 -35.49 -1.95 -15.70
CA GLU A 369 -36.65 -2.17 -16.55
C GLU A 369 -37.24 -0.86 -17.06
N LYS A 370 -37.25 0.18 -16.21
CA LYS A 370 -37.83 1.45 -16.62
C LYS A 370 -37.08 2.07 -17.80
N LEU A 371 -35.76 1.88 -17.89
CA LEU A 371 -35.00 2.46 -18.98
C LEU A 371 -34.76 1.47 -20.12
N LYS A 372 -35.57 0.40 -20.17
CA LYS A 372 -35.62 -0.51 -21.31
C LYS A 372 -34.35 -1.35 -21.45
N PHE A 373 -33.66 -1.60 -20.35
CA PHE A 373 -32.64 -2.65 -20.33
C PHE A 373 -33.33 -4.00 -20.48
N GLY A 374 -32.62 -4.93 -21.11
CA GLY A 374 -33.06 -6.32 -21.19
C GLY A 374 -32.06 -7.22 -20.51
N ILE A 375 -32.56 -8.29 -19.89
CA ILE A 375 -31.69 -9.14 -19.07
C ILE A 375 -30.73 -9.91 -19.96
N GLY A 376 -29.47 -10.05 -19.49
CA GLY A 376 -28.47 -10.79 -20.22
C GLY A 376 -28.41 -12.26 -19.83
N ASP A 377 -27.61 -13.02 -20.56
CA ASP A 377 -27.44 -14.44 -20.28
C ASP A 377 -26.24 -14.70 -19.38
N GLY A 378 -25.53 -13.67 -18.93
CA GLY A 378 -24.34 -13.84 -18.13
C GLY A 378 -24.55 -13.40 -16.69
N ASN A 379 -24.23 -14.30 -15.77
CA ASN A 379 -24.08 -13.92 -14.37
C ASN A 379 -22.68 -13.35 -14.13
N LEU A 380 -22.58 -12.48 -13.14
CA LEU A 380 -21.29 -12.04 -12.61
C LEU A 380 -21.24 -12.47 -11.15
N GLN A 381 -20.47 -13.51 -10.87
CA GLN A 381 -20.29 -13.99 -9.51
C GLN A 381 -19.16 -13.22 -8.84
N TYR A 382 -19.40 -12.75 -7.61
CA TYR A 382 -18.38 -12.09 -6.80
C TYR A 382 -17.87 -13.04 -5.74
N TYR A 383 -16.54 -13.02 -5.52
CA TYR A 383 -15.88 -13.96 -4.62
C TYR A 383 -14.87 -13.22 -3.75
N LEU A 384 -14.69 -13.74 -2.54
CA LEU A 384 -13.57 -13.35 -1.69
C LEU A 384 -12.70 -14.57 -1.45
N TYR A 385 -11.38 -14.36 -1.44
CA TYR A 385 -10.40 -15.39 -1.14
C TYR A 385 -9.95 -15.22 0.31
N ASN A 386 -10.03 -16.31 1.07
CA ASN A 386 -9.62 -16.35 2.49
C ASN A 386 -10.44 -15.40 3.35
N TRP A 387 -11.74 -15.31 3.06
CA TRP A 387 -12.62 -14.54 3.93
C TRP A 387 -13.99 -15.21 3.97
N LYS A 388 -14.43 -15.56 5.18
CA LYS A 388 -15.74 -16.15 5.43
C LYS A 388 -16.71 -15.05 5.84
N CYS A 389 -17.86 -15.02 5.19
CA CYS A 389 -18.93 -14.10 5.55
C CYS A 389 -20.19 -14.59 4.85
N PRO A 390 -21.37 -14.22 5.34
CA PRO A 390 -22.61 -14.62 4.66
C PRO A 390 -22.71 -13.97 3.29
N SER A 391 -23.36 -14.68 2.37
CA SER A 391 -23.65 -14.11 1.07
C SER A 391 -24.61 -12.94 1.19
N MET A 392 -24.72 -12.16 0.12
CA MET A 392 -25.57 -10.99 0.11
C MET A 392 -26.30 -10.92 -1.23
N GLY A 393 -27.45 -10.23 -1.22
CA GLY A 393 -28.15 -9.99 -2.46
C GLY A 393 -27.40 -9.03 -3.35
N ALA A 394 -27.74 -9.07 -4.64
CA ALA A 394 -27.07 -8.19 -5.61
C ALA A 394 -27.18 -6.73 -5.20
N GLU A 395 -28.33 -6.33 -4.64
N GLU A 395 -28.33 -6.33 -4.64
CA GLU A 395 -28.56 -4.94 -4.26
CA GLU A 395 -28.54 -4.94 -4.27
C GLU A 395 -27.56 -4.45 -3.22
C GLU A 395 -27.60 -4.46 -3.18
N LYS A 396 -26.91 -5.36 -2.48
CA LYS A 396 -25.94 -4.97 -1.47
C LYS A 396 -24.50 -5.03 -1.99
N VAL A 397 -24.27 -5.51 -3.20
CA VAL A 397 -22.94 -5.43 -3.80
C VAL A 397 -22.72 -4.02 -4.32
N GLY A 398 -21.63 -3.38 -3.87
CA GLY A 398 -21.32 -2.01 -4.24
C GLY A 398 -19.90 -1.89 -4.76
N LEU A 399 -19.50 -2.86 -5.59
CA LEU A 399 -18.15 -2.93 -6.12
C LEU A 399 -18.22 -3.31 -7.60
N VAL A 400 -17.59 -2.50 -8.45
CA VAL A 400 -17.55 -2.73 -9.89
C VAL A 400 -16.09 -2.87 -10.32
N LEU A 401 -15.77 -3.98 -10.97
CA LEU A 401 -14.44 -4.26 -11.50
C LEU A 401 -14.39 -3.99 -13.00
N GLN A 402 -13.18 -3.79 -13.50
CA GLN A 402 -12.96 -3.52 -14.93
C GLN A 402 -13.02 -4.80 -15.74
N PRO B 11 12.69 24.85 22.42
CA PRO B 11 12.25 23.46 22.62
C PRO B 11 12.38 23.02 24.07
N ALA B 12 11.66 21.95 24.44
CA ALA B 12 11.73 21.38 25.78
C ALA B 12 12.18 19.93 25.70
N LYS B 13 13.11 19.56 26.57
CA LYS B 13 13.65 18.20 26.58
C LYS B 13 13.11 17.35 27.73
N THR B 14 12.49 17.97 28.73
CA THR B 14 11.92 17.25 29.86
C THR B 14 10.43 17.54 29.97
N MET B 15 9.71 16.62 30.61
CA MET B 15 8.26 16.80 30.79
C MET B 15 7.96 17.94 31.77
N GLU B 16 8.86 18.19 32.73
CA GLU B 16 8.67 19.34 33.62
C GLU B 16 8.86 20.64 32.85
N GLU B 17 9.84 20.69 31.95
CA GLU B 17 10.04 21.88 31.14
C GLU B 17 8.91 22.07 30.13
N ALA B 18 8.32 20.97 29.66
CA ALA B 18 7.23 21.04 28.68
C ALA B 18 5.89 21.37 29.31
N SER B 19 5.71 21.10 30.61
CA SER B 19 4.45 21.40 31.25
C SER B 19 4.26 22.90 31.45
N LYS B 20 5.34 23.67 31.55
CA LYS B 20 5.26 25.12 31.63
C LYS B 20 5.44 25.77 30.25
N ARG B 21 4.63 25.34 29.28
CA ARG B 21 4.82 25.76 27.90
C ARG B 21 3.47 25.68 27.17
N SER B 22 3.32 26.50 26.14
CA SER B 22 2.16 26.46 25.25
C SER B 22 2.62 26.07 23.85
N TYR B 23 1.75 25.37 23.12
CA TYR B 23 2.12 24.81 21.82
C TYR B 23 1.22 25.40 20.73
N GLN B 24 1.65 26.54 20.19
CA GLN B 24 0.87 27.24 19.17
C GLN B 24 0.47 26.31 18.03
N PHE B 25 1.40 25.50 17.55
CA PHE B 25 1.08 24.62 16.43
C PHE B 25 0.40 23.34 16.88
N TRP B 26 0.97 22.65 17.86
CA TRP B 26 0.46 21.32 18.18
C TRP B 26 -0.92 21.38 18.83
N ASP B 27 -1.29 22.50 19.45
CA ASP B 27 -2.65 22.65 19.95
C ASP B 27 -3.71 22.59 18.86
N THR B 28 -3.35 22.89 17.61
CA THR B 28 -4.28 22.84 16.49
C THR B 28 -4.36 21.47 15.85
N GLN B 29 -3.57 20.51 16.32
CA GLN B 29 -3.42 19.22 15.66
C GLN B 29 -4.19 18.13 16.40
N PRO B 30 -4.52 17.03 15.72
CA PRO B 30 -5.24 15.92 16.37
C PRO B 30 -4.31 15.01 17.16
N VAL B 31 -3.79 15.54 18.26
CA VAL B 31 -2.97 14.77 19.21
C VAL B 31 -3.50 15.14 20.60
N PRO B 32 -3.36 14.27 21.60
CA PRO B 32 -3.87 14.58 22.93
C PRO B 32 -3.03 15.68 23.58
N LYS B 33 -3.60 16.28 24.62
CA LYS B 33 -2.92 17.34 25.34
C LYS B 33 -1.89 16.77 26.31
N LEU B 34 -0.84 17.54 26.57
CA LEU B 34 0.23 17.09 27.46
C LEU B 34 -0.28 16.74 28.84
N GLY B 35 -1.30 17.46 29.33
CA GLY B 35 -1.84 17.09 30.63
C GLY B 35 -2.73 15.85 30.60
N GLU B 36 -3.23 15.48 29.43
CA GLU B 36 -4.30 14.50 29.32
C GLU B 36 -3.80 13.09 29.59
N VAL B 37 -4.46 12.41 30.52
CA VAL B 37 -4.23 10.98 30.74
C VAL B 37 -5.30 10.22 29.94
N VAL B 38 -4.84 9.32 29.08
CA VAL B 38 -5.70 8.73 28.05
C VAL B 38 -6.04 7.30 28.45
N ASN B 39 -7.33 6.95 28.37
CA ASN B 39 -7.74 5.58 28.60
C ASN B 39 -8.58 5.01 27.47
N THR B 40 -8.75 5.74 26.37
CA THR B 40 -9.43 5.25 25.18
C THR B 40 -8.40 4.83 24.13
N HIS B 41 -8.89 4.28 23.02
CA HIS B 41 -8.05 3.83 21.91
C HIS B 41 -8.75 4.18 20.61
N GLY B 42 -8.20 5.09 19.81
CA GLY B 42 -8.79 5.35 18.52
C GLY B 42 -8.44 6.71 17.95
N PRO B 43 -8.98 7.01 16.77
CA PRO B 43 -8.61 8.27 16.10
C PRO B 43 -9.13 9.48 16.87
N VAL B 44 -8.45 10.60 16.66
CA VAL B 44 -8.89 11.85 17.29
C VAL B 44 -9.95 12.51 16.43
N GLU B 45 -9.81 12.45 15.12
CA GLU B 45 -10.72 13.07 14.17
C GLU B 45 -11.07 12.09 13.07
N PRO B 46 -12.20 12.29 12.38
CA PRO B 46 -12.62 11.31 11.35
C PRO B 46 -11.74 11.37 10.12
N ASP B 47 -11.66 10.23 9.42
CA ASP B 47 -11.04 10.21 8.09
C ASP B 47 -11.69 11.27 7.22
N LYS B 48 -10.91 11.83 6.30
CA LYS B 48 -11.36 12.99 5.54
C LYS B 48 -12.05 12.56 4.24
N ASP B 49 -13.30 13.02 4.07
CA ASP B 49 -14.05 12.84 2.84
C ASP B 49 -13.51 13.70 1.70
N ASN B 50 -12.76 14.74 2.05
N ASN B 50 -12.88 14.82 2.02
CA ASN B 50 -12.39 15.82 1.15
CA ASN B 50 -12.33 15.70 1.01
C ASN B 50 -11.01 16.30 1.59
C ASN B 50 -11.03 16.25 1.55
N ILE B 51 -10.03 16.32 0.68
CA ILE B 51 -8.68 16.70 1.06
C ILE B 51 -8.25 17.91 0.23
N ARG B 52 -7.66 18.90 0.89
CA ARG B 52 -7.09 20.07 0.24
C ARG B 52 -6.21 19.68 -0.94
N GLN B 53 -6.56 20.18 -2.14
CA GLN B 53 -5.82 19.80 -3.35
C GLN B 53 -4.58 20.64 -3.58
N GLU B 54 -4.54 21.85 -3.04
CA GLU B 54 -3.45 22.82 -3.22
C GLU B 54 -2.40 22.63 -2.13
N PRO B 55 -1.11 22.65 -2.47
CA PRO B 55 -0.07 22.67 -1.43
C PRO B 55 -0.23 23.88 -0.53
N TYR B 56 0.22 23.73 0.72
CA TYR B 56 0.19 24.85 1.63
C TYR B 56 1.18 25.94 1.19
N THR B 57 0.89 27.18 1.59
CA THR B 57 1.68 28.33 1.20
C THR B 57 2.99 28.38 1.96
N LEU B 58 4.08 28.45 1.23
CA LEU B 58 5.38 28.70 1.83
C LEU B 58 5.65 30.20 1.90
N PRO B 59 6.58 30.61 2.76
CA PRO B 59 7.02 32.01 2.74
C PRO B 59 7.47 32.42 1.35
N GLN B 60 7.35 33.71 1.07
CA GLN B 60 7.78 34.24 -0.22
C GLN B 60 9.21 33.83 -0.51
N GLY B 61 9.46 33.37 -1.73
CA GLY B 61 10.80 33.00 -2.14
C GLY B 61 11.16 31.55 -1.99
N PHE B 62 10.23 30.70 -1.54
CA PHE B 62 10.48 29.27 -1.36
C PHE B 62 9.37 28.48 -2.04
N THR B 63 9.70 27.27 -2.46
CA THR B 63 8.75 26.47 -3.22
C THR B 63 8.96 25.00 -2.90
N TRP B 64 7.89 24.22 -3.10
CA TRP B 64 7.93 22.78 -2.89
C TRP B 64 8.63 22.07 -4.06
N ASP B 65 9.29 20.96 -3.74
CA ASP B 65 9.85 20.08 -4.78
C ASP B 65 9.97 18.67 -4.24
N ALA B 66 9.30 17.72 -4.88
CA ALA B 66 9.47 16.32 -4.53
C ALA B 66 10.84 15.85 -4.99
N LEU B 67 11.59 15.18 -4.12
CA LEU B 67 12.97 14.82 -4.43
C LEU B 67 13.00 13.39 -4.96
N ASP B 68 13.45 13.23 -6.21
CA ASP B 68 13.68 11.90 -6.79
C ASP B 68 15.06 11.43 -6.35
N LEU B 69 15.10 10.56 -5.34
CA LEU B 69 16.36 10.07 -4.79
C LEU B 69 17.07 9.12 -5.73
N GLY B 70 16.41 8.64 -6.78
CA GLY B 70 17.09 7.89 -7.81
C GLY B 70 17.98 8.75 -8.67
N ASP B 71 17.80 10.07 -8.60
CA ASP B 71 18.69 11.03 -9.24
C ASP B 71 19.87 11.23 -8.31
N ARG B 72 21.05 10.83 -8.77
CA ARG B 72 22.26 10.91 -7.96
C ARG B 72 22.50 12.33 -7.45
N GLY B 73 22.36 13.32 -8.34
CA GLY B 73 22.57 14.70 -7.93
C GLY B 73 21.60 15.15 -6.85
N VAL B 74 20.33 14.76 -6.96
CA VAL B 74 19.34 15.18 -5.97
C VAL B 74 19.60 14.48 -4.64
N LEU B 75 19.93 13.20 -4.66
CA LEU B 75 20.29 12.51 -3.42
C LEU B 75 21.46 13.22 -2.74
N LYS B 76 22.43 13.67 -3.52
CA LYS B 76 23.57 14.40 -2.94
C LYS B 76 23.12 15.71 -2.32
N GLU B 77 22.17 16.42 -2.94
CA GLU B 77 21.65 17.63 -2.32
C GLU B 77 21.00 17.32 -0.98
N LEU B 78 20.29 16.19 -0.88
CA LEU B 78 19.64 15.84 0.37
C LEU B 78 20.65 15.45 1.44
N TYR B 79 21.60 14.58 1.08
N TYR B 79 21.65 14.63 1.10
CA TYR B 79 22.71 14.25 1.96
CA TYR B 79 22.58 14.31 2.18
C TYR B 79 23.36 15.51 2.52
C TYR B 79 23.47 15.49 2.53
N THR B 80 23.63 16.47 1.65
CA THR B 80 24.32 17.69 2.06
C THR B 80 23.46 18.52 3.01
N LEU B 81 22.17 18.67 2.70
CA LEU B 81 21.28 19.38 3.62
C LEU B 81 21.29 18.74 5.00
N LEU B 82 21.16 17.40 5.04
CA LEU B 82 21.14 16.70 6.33
C LEU B 82 22.49 16.72 7.02
N ASN B 83 23.56 16.48 6.26
N ASN B 83 23.58 16.52 6.27
CA ASN B 83 24.90 16.50 6.83
CA ASN B 83 24.87 16.48 6.93
C ASN B 83 25.20 17.81 7.54
C ASN B 83 25.39 17.85 7.35
N GLU B 84 24.68 18.93 7.02
CA GLU B 84 25.02 20.24 7.53
C GLU B 84 23.97 20.84 8.46
N ASN B 85 22.73 20.33 8.46
CA ASN B 85 21.65 20.97 9.21
C ASN B 85 20.77 20.02 10.01
N TYR B 86 21.05 18.71 10.07
CA TYR B 86 20.15 17.78 10.74
C TYR B 86 20.54 17.68 12.23
N VAL B 87 20.12 16.59 12.90
CA VAL B 87 20.11 16.50 14.36
C VAL B 87 21.52 16.49 14.91
N GLU B 88 21.75 17.29 15.96
CA GLU B 88 23.00 17.31 16.71
C GLU B 88 22.76 16.84 18.14
N ASP B 89 23.83 16.44 18.81
CA ASP B 89 23.77 16.13 20.22
C ASP B 89 23.51 17.40 21.02
N ASP B 90 23.14 17.24 22.30
CA ASP B 90 22.78 18.39 23.11
C ASP B 90 23.95 19.35 23.30
N ASP B 91 25.19 18.88 23.24
CA ASP B 91 26.34 19.75 23.39
C ASP B 91 26.84 20.31 22.06
N ASN B 92 26.11 20.08 20.96
CA ASN B 92 26.47 20.62 19.65
C ASN B 92 27.90 20.22 19.26
N MET B 93 28.24 18.96 19.46
CA MET B 93 29.57 18.46 19.13
C MET B 93 29.58 17.40 18.06
N PHE B 94 28.48 16.67 17.86
CA PHE B 94 28.39 15.63 16.86
C PHE B 94 27.08 15.75 16.13
N ARG B 95 27.11 15.49 14.84
CA ARG B 95 25.94 15.55 13.99
C ARG B 95 25.86 14.26 13.19
N PHE B 96 24.65 13.73 13.02
CA PHE B 96 24.47 12.55 12.20
C PHE B 96 25.09 12.76 10.82
N ASP B 97 25.71 11.71 10.30
CA ASP B 97 26.32 11.74 8.96
C ASP B 97 25.71 10.61 8.13
N TYR B 98 24.44 10.78 7.75
CA TYR B 98 23.75 9.80 6.92
C TYR B 98 24.41 9.74 5.54
N SER B 99 24.76 8.53 5.08
CA SER B 99 25.32 8.39 3.74
C SER B 99 24.21 8.31 2.69
N PRO B 100 24.53 8.58 1.41
CA PRO B 100 23.50 8.45 0.36
C PRO B 100 22.88 7.07 0.29
N GLU B 101 23.72 6.03 0.40
CA GLU B 101 23.22 4.67 0.39
C GLU B 101 22.34 4.39 1.60
N PHE B 102 22.71 4.92 2.78
CA PHE B 102 21.83 4.77 3.93
C PHE B 102 20.49 5.45 3.67
N LEU B 103 20.52 6.65 3.11
CA LEU B 103 19.27 7.37 2.87
C LEU B 103 18.37 6.59 1.90
N LEU B 104 18.95 5.99 0.87
CA LEU B 104 18.15 5.16 -0.02
C LEU B 104 17.51 3.99 0.74
N TRP B 105 18.28 3.37 1.66
CA TRP B 105 17.72 2.31 2.50
C TRP B 105 16.57 2.83 3.36
N ALA B 106 16.75 3.99 3.99
CA ALA B 106 15.73 4.49 4.90
C ALA B 106 14.52 5.05 4.18
N LEU B 107 14.70 5.59 2.97
CA LEU B 107 13.64 6.37 2.33
C LEU B 107 13.01 5.67 1.14
N ARG B 108 13.59 4.57 0.66
CA ARG B 108 12.89 3.81 -0.36
C ARG B 108 12.60 2.37 0.07
N PRO B 109 11.96 2.16 1.22
CA PRO B 109 11.50 0.81 1.56
C PRO B 109 10.32 0.46 0.67
N PRO B 110 9.83 -0.78 0.72
CA PRO B 110 8.65 -1.14 -0.07
C PRO B 110 7.48 -0.19 0.16
N GLY B 111 6.90 0.28 -0.93
CA GLY B 111 5.76 1.17 -0.87
C GLY B 111 6.11 2.65 -0.86
N TRP B 112 7.39 2.99 -0.92
CA TRP B 112 7.78 4.39 -0.91
C TRP B 112 7.12 5.13 -2.07
N LEU B 113 6.84 6.41 -1.86
CA LEU B 113 6.17 7.26 -2.84
C LEU B 113 6.96 8.53 -3.06
N PRO B 114 7.12 8.97 -4.32
CA PRO B 114 7.97 10.14 -4.59
C PRO B 114 7.44 11.43 -3.98
N GLN B 115 6.11 11.60 -3.93
CA GLN B 115 5.55 12.82 -3.35
C GLN B 115 5.81 12.92 -1.85
N TRP B 116 6.18 11.81 -1.21
CA TRP B 116 6.45 11.78 0.22
C TRP B 116 7.91 12.05 0.54
N HIS B 117 8.72 12.38 -0.47
CA HIS B 117 10.06 12.92 -0.26
C HIS B 117 9.96 14.42 -0.54
N CYS B 118 9.56 15.16 0.50
CA CYS B 118 8.96 16.48 0.34
C CYS B 118 10.01 17.54 0.63
N GLY B 119 10.58 18.13 -0.42
CA GLY B 119 11.61 19.14 -0.27
C GLY B 119 11.08 20.57 -0.40
N VAL B 120 11.88 21.50 0.10
CA VAL B 120 11.65 22.94 -0.04
C VAL B 120 12.90 23.55 -0.65
N ARG B 121 12.72 24.30 -1.74
CA ARG B 121 13.84 24.94 -2.42
C ARG B 121 13.65 26.45 -2.46
N VAL B 122 14.77 27.17 -2.49
CA VAL B 122 14.75 28.59 -2.80
C VAL B 122 14.31 28.78 -4.24
N VAL B 123 13.39 29.71 -4.48
CA VAL B 123 12.79 29.83 -5.81
C VAL B 123 13.84 30.26 -6.84
N SER B 124 14.66 31.25 -6.50
CA SER B 124 15.57 31.81 -7.52
C SER B 124 16.75 30.88 -7.79
N SER B 125 17.33 30.30 -6.75
CA SER B 125 18.54 29.50 -6.87
C SER B 125 18.28 28.00 -6.95
N ARG B 126 17.09 27.54 -6.60
CA ARG B 126 16.71 26.14 -6.47
C ARG B 126 17.47 25.43 -5.36
N LYS B 127 18.19 26.16 -4.50
CA LYS B 127 18.93 25.52 -3.43
C LYS B 127 17.98 24.79 -2.48
N LEU B 128 18.38 23.59 -2.04
CA LEU B 128 17.54 22.80 -1.15
C LEU B 128 17.74 23.30 0.27
N VAL B 129 16.65 23.72 0.92
CA VAL B 129 16.73 24.30 2.26
C VAL B 129 15.80 23.65 3.26
N GLY B 130 15.00 22.67 2.85
CA GLY B 130 14.12 21.99 3.79
C GLY B 130 13.70 20.64 3.28
N PHE B 131 13.30 19.78 4.21
CA PHE B 131 12.89 18.43 3.84
C PHE B 131 12.05 17.84 4.96
N ILE B 132 11.12 16.97 4.58
CA ILE B 132 10.44 16.07 5.49
C ILE B 132 10.03 14.85 4.67
N SER B 133 9.97 13.68 5.31
CA SER B 133 9.62 12.48 4.56
C SER B 133 8.56 11.65 5.27
N ALA B 134 7.83 10.88 4.46
CA ALA B 134 6.96 9.82 4.96
C ALA B 134 7.28 8.52 4.23
N ILE B 135 7.25 7.41 4.96
CA ILE B 135 7.28 6.08 4.35
C ILE B 135 6.13 5.28 4.93
N PRO B 136 5.52 4.39 4.18
CA PRO B 136 4.38 3.64 4.70
C PRO B 136 4.80 2.57 5.69
N ALA B 137 3.92 2.29 6.64
CA ALA B 137 4.19 1.23 7.61
C ALA B 137 2.89 0.75 8.24
N ASN B 138 2.72 -0.56 8.31
N ASN B 138 2.72 -0.57 8.28
CA ASN B 138 1.62 -1.13 9.08
CA ASN B 138 1.67 -1.18 9.08
C ASN B 138 2.07 -1.25 10.53
C ASN B 138 2.12 -1.20 10.53
N ILE B 139 1.28 -0.67 11.43
CA ILE B 139 1.65 -0.48 12.82
C ILE B 139 0.64 -1.18 13.70
N HIS B 140 1.13 -1.99 14.64
CA HIS B 140 0.31 -2.59 15.68
C HIS B 140 0.41 -1.72 16.91
N ILE B 141 -0.72 -1.15 17.33
CA ILE B 141 -0.75 -0.33 18.53
C ILE B 141 -1.82 -0.93 19.44
N TYR B 142 -1.39 -1.49 20.57
CA TYR B 142 -2.24 -2.29 21.44
C TYR B 142 -3.01 -3.32 20.63
N ASP B 143 -4.34 -3.23 20.61
CA ASP B 143 -5.18 -4.25 19.97
C ASP B 143 -5.57 -3.90 18.53
N THR B 144 -4.95 -2.90 17.92
CA THR B 144 -5.34 -2.45 16.59
C THR B 144 -4.13 -2.47 15.67
N GLU B 145 -4.36 -2.94 14.44
N GLU B 145 -4.33 -2.99 14.45
CA GLU B 145 -3.40 -2.85 13.35
CA GLU B 145 -3.35 -2.82 13.37
C GLU B 145 -3.89 -1.74 12.41
C GLU B 145 -3.88 -1.74 12.43
N LYS B 146 -3.03 -0.76 12.13
CA LYS B 146 -3.40 0.37 11.29
C LYS B 146 -2.33 0.59 10.24
N LYS B 147 -2.74 0.84 9.00
CA LYS B 147 -1.80 1.35 8.01
C LYS B 147 -1.49 2.80 8.36
N MET B 148 -0.22 3.12 8.53
CA MET B 148 0.23 4.45 8.94
C MET B 148 1.38 4.88 8.04
N VAL B 149 1.93 6.06 8.30
CA VAL B 149 3.25 6.41 7.79
C VAL B 149 4.17 6.67 8.97
N GLU B 150 5.47 6.56 8.69
CA GLU B 150 6.53 6.97 9.61
C GLU B 150 7.15 8.25 9.07
N ILE B 151 7.19 9.29 9.91
CA ILE B 151 7.70 10.59 9.50
C ILE B 151 9.13 10.70 9.99
N ASN B 152 10.03 11.17 9.13
CA ASN B 152 11.43 11.23 9.49
C ASN B 152 12.09 12.33 8.69
N PHE B 153 13.29 12.71 9.13
CA PHE B 153 14.18 13.58 8.38
C PHE B 153 13.60 14.98 8.19
N LEU B 154 12.80 15.45 9.15
CA LEU B 154 12.38 16.84 9.15
C LEU B 154 13.60 17.73 9.35
N CYS B 155 13.85 18.62 8.40
CA CYS B 155 15.08 19.40 8.43
C CYS B 155 14.85 20.76 7.77
N VAL B 156 15.22 21.82 8.48
CA VAL B 156 15.18 23.17 7.95
C VAL B 156 16.59 23.75 8.02
N HIS B 157 17.04 24.33 6.92
CA HIS B 157 18.37 24.92 6.85
C HIS B 157 18.59 25.87 8.04
N LYS B 158 19.78 25.78 8.65
CA LYS B 158 20.08 26.58 9.83
C LYS B 158 19.78 28.07 9.61
N LYS B 159 20.02 28.57 8.39
CA LYS B 159 19.77 29.97 8.12
C LYS B 159 18.29 30.29 7.91
N LEU B 160 17.43 29.27 7.89
CA LEU B 160 16.00 29.45 7.76
C LEU B 160 15.26 29.14 9.07
N ARG B 161 15.98 28.84 10.15
CA ARG B 161 15.37 28.37 11.38
C ARG B 161 14.49 29.44 12.01
N SER B 162 13.62 28.98 12.92
CA SER B 162 12.76 29.84 13.73
C SER B 162 11.87 30.77 12.89
N LYS B 163 11.65 30.44 11.62
CA LYS B 163 10.75 31.19 10.74
C LYS B 163 9.47 30.42 10.46
N ARG B 164 9.14 29.47 11.34
CA ARG B 164 7.92 28.67 11.28
C ARG B 164 7.75 27.96 9.94
N VAL B 165 8.87 27.55 9.34
CA VAL B 165 8.79 26.67 8.18
C VAL B 165 8.46 25.23 8.58
N ALA B 166 8.88 24.78 9.77
CA ALA B 166 8.57 23.40 10.16
C ALA B 166 7.08 23.12 10.25
N PRO B 167 6.23 23.97 10.84
CA PRO B 167 4.79 23.65 10.81
C PRO B 167 4.22 23.55 9.40
N VAL B 168 4.74 24.33 8.45
CA VAL B 168 4.27 24.23 7.07
C VAL B 168 4.69 22.88 6.49
N LEU B 169 5.93 22.45 6.72
CA LEU B 169 6.35 21.13 6.28
C LEU B 169 5.47 20.05 6.89
N ILE B 170 5.10 20.19 8.16
CA ILE B 170 4.28 19.14 8.78
C ILE B 170 2.89 19.09 8.17
N ARG B 171 2.27 20.26 7.94
CA ARG B 171 0.95 20.24 7.34
C ARG B 171 0.99 19.72 5.91
N GLU B 172 2.05 20.03 5.18
CA GLU B 172 2.10 19.60 3.78
C GLU B 172 2.35 18.10 3.68
N ILE B 173 3.19 17.52 4.52
CA ILE B 173 3.32 16.07 4.41
C ILE B 173 2.05 15.40 4.92
N THR B 174 1.38 15.99 5.92
CA THR B 174 0.06 15.50 6.34
C THR B 174 -0.92 15.48 5.18
N ARG B 175 -1.00 16.60 4.44
CA ARG B 175 -1.89 16.69 3.28
C ARG B 175 -1.56 15.61 2.26
N ARG B 176 -0.26 15.43 1.96
CA ARG B 176 0.12 14.48 0.92
C ARG B 176 -0.14 13.05 1.35
N VAL B 177 -0.05 12.76 2.65
CA VAL B 177 -0.36 11.43 3.16
C VAL B 177 -1.88 11.22 3.16
N HIS B 178 -2.64 12.25 3.53
CA HIS B 178 -4.10 12.17 3.45
C HIS B 178 -4.59 11.82 2.06
N LEU B 179 -3.95 12.39 1.03
CA LEU B 179 -4.40 12.14 -0.34
C LEU B 179 -4.34 10.67 -0.68
N GLU B 180 -3.45 9.93 -0.03
CA GLU B 180 -3.28 8.50 -0.24
C GLU B 180 -4.14 7.67 0.70
N GLY B 181 -5.05 8.29 1.43
CA GLY B 181 -5.99 7.55 2.25
C GLY B 181 -5.45 7.10 3.59
N ILE B 182 -4.37 7.70 4.06
CA ILE B 182 -3.74 7.34 5.34
C ILE B 182 -3.95 8.47 6.32
N PHE B 183 -4.39 8.16 7.54
CA PHE B 183 -4.77 9.20 8.49
C PHE B 183 -4.09 9.08 9.86
N GLN B 184 -3.11 8.20 10.00
CA GLN B 184 -2.33 8.08 11.23
C GLN B 184 -0.84 8.07 10.88
N ALA B 185 -0.02 8.52 11.83
CA ALA B 185 1.43 8.47 11.65
C ALA B 185 2.12 8.22 12.98
N VAL B 186 3.33 7.68 12.89
CA VAL B 186 4.22 7.51 14.04
C VAL B 186 5.51 8.28 13.76
N TYR B 187 6.07 8.87 14.81
CA TYR B 187 7.28 9.68 14.65
C TYR B 187 7.96 9.75 16.00
N THR B 188 9.26 10.01 15.98
CA THR B 188 10.05 10.17 17.19
C THR B 188 10.76 11.51 17.19
N ALA B 189 11.09 11.99 18.38
CA ALA B 189 11.79 13.26 18.50
C ALA B 189 12.52 13.30 19.84
N GLY B 190 13.63 14.04 19.86
CA GLY B 190 14.32 14.26 21.11
C GLY B 190 13.70 15.30 22.01
N VAL B 191 12.71 16.03 21.52
CA VAL B 191 12.05 17.07 22.29
C VAL B 191 10.67 16.56 22.70
N VAL B 192 10.13 17.16 23.77
CA VAL B 192 8.80 16.80 24.25
C VAL B 192 7.76 17.67 23.55
N LEU B 193 6.76 17.00 22.98
CA LEU B 193 5.62 17.61 22.32
C LEU B 193 4.36 16.94 22.83
N PRO B 194 3.18 17.54 22.61
CA PRO B 194 1.94 16.79 22.84
C PRO B 194 1.83 15.68 21.80
N LYS B 195 1.73 14.41 22.25
CA LYS B 195 1.97 13.92 23.60
C LYS B 195 2.66 12.56 23.43
N PRO B 196 3.75 12.31 24.15
CA PRO B 196 4.50 11.06 23.95
C PRO B 196 3.64 9.84 24.29
N VAL B 197 3.65 8.87 23.39
CA VAL B 197 3.07 7.58 23.72
C VAL B 197 4.07 6.71 24.46
N GLY B 198 5.37 7.01 24.35
CA GLY B 198 6.39 6.34 25.12
C GLY B 198 7.65 7.17 25.13
N THR B 199 8.40 7.05 26.22
CA THR B 199 9.66 7.79 26.37
C THR B 199 10.79 6.78 26.52
N CYS B 200 11.76 6.83 25.61
CA CYS B 200 12.93 5.98 25.66
C CYS B 200 14.18 6.83 25.90
N ARG B 201 15.26 6.14 26.26
CA ARG B 201 16.54 6.76 26.58
C ARG B 201 17.62 6.02 25.80
N TYR B 202 18.54 6.75 25.16
CA TYR B 202 19.68 6.10 24.52
C TYR B 202 20.75 5.75 25.55
N TRP B 203 21.39 4.62 25.33
CA TRP B 203 22.55 4.15 26.08
C TRP B 203 23.68 3.86 25.10
N HIS B 204 24.92 3.88 25.61
CA HIS B 204 26.10 3.81 24.78
C HIS B 204 27.08 2.78 25.35
N ARG B 205 27.65 1.96 24.47
CA ARG B 205 28.66 0.97 24.86
C ARG B 205 29.97 1.26 24.13
N SER B 206 30.98 1.71 24.88
CA SER B 206 32.29 2.00 24.29
C SER B 206 32.91 0.76 23.69
N LEU B 207 33.31 0.86 22.42
CA LEU B 207 34.09 -0.16 21.74
C LEU B 207 35.55 0.26 21.54
N ASN B 208 35.77 1.54 21.22
CA ASN B 208 37.09 2.11 21.03
C ASN B 208 37.20 3.27 22.01
N PRO B 209 37.41 2.97 23.30
CA PRO B 209 37.43 4.04 24.31
C PRO B 209 38.44 5.14 24.03
N ARG B 210 39.62 4.79 23.49
CA ARG B 210 40.66 5.78 23.24
C ARG B 210 40.19 6.83 22.25
N LYS B 211 39.57 6.39 21.15
CA LYS B 211 39.01 7.31 20.16
C LYS B 211 37.90 8.15 20.77
N LEU B 212 37.01 7.51 21.54
CA LEU B 212 35.86 8.22 22.10
C LEU B 212 36.29 9.33 23.05
N ILE B 213 37.35 9.09 23.83
CA ILE B 213 37.83 10.11 24.75
C ILE B 213 38.60 11.19 24.00
N GLU B 214 39.31 10.82 22.94
CA GLU B 214 40.06 11.81 22.17
C GLU B 214 39.13 12.87 21.57
N VAL B 215 37.97 12.45 21.05
CA VAL B 215 37.07 13.38 20.37
C VAL B 215 36.04 13.92 21.36
N LYS B 216 36.22 13.62 22.65
CA LYS B 216 35.34 14.11 23.72
C LYS B 216 33.90 13.63 23.56
N PHE B 217 33.72 12.48 22.89
CA PHE B 217 32.43 11.80 22.94
C PHE B 217 32.16 11.21 24.32
N SER B 218 33.21 10.71 24.97
CA SER B 218 33.14 10.30 26.37
C SER B 218 34.34 10.87 27.11
N HIS B 219 34.39 10.64 28.41
CA HIS B 219 35.48 11.18 29.20
C HIS B 219 35.96 10.14 30.20
N LEU B 220 37.23 10.26 30.57
CA LEU B 220 37.84 9.36 31.54
C LEU B 220 37.15 9.48 32.89
N SER B 221 36.52 8.39 33.34
CA SER B 221 35.78 8.43 34.59
C SER B 221 36.71 8.68 35.77
N ARG B 222 36.12 9.09 36.90
CA ARG B 222 36.90 9.55 38.05
C ARG B 222 37.81 8.44 38.57
N ASN B 223 39.09 8.79 38.76
CA ASN B 223 40.09 7.89 39.31
C ASN B 223 40.23 6.62 38.45
N MET B 224 40.13 6.78 37.14
CA MET B 224 40.34 5.69 36.18
C MET B 224 41.35 6.12 35.13
N THR B 225 42.39 5.33 34.94
CA THR B 225 43.37 5.62 33.90
C THR B 225 42.81 5.23 32.53
N MET B 226 43.47 5.74 31.48
CA MET B 226 43.13 5.29 30.14
C MET B 226 43.41 3.79 30.01
N GLN B 227 44.53 3.32 30.58
CA GLN B 227 44.85 1.90 30.54
C GLN B 227 43.76 1.07 31.20
N ARG B 228 43.29 1.50 32.37
CA ARG B 228 42.22 0.78 33.06
C ARG B 228 40.93 0.78 32.26
N THR B 229 40.68 1.88 31.52
CA THR B 229 39.46 1.97 30.72
C THR B 229 39.48 0.97 29.56
N MET B 230 40.64 0.81 28.92
CA MET B 230 40.79 -0.20 27.88
C MET B 230 40.40 -1.58 28.40
N LYS B 231 40.99 -1.98 29.53
CA LYS B 231 40.71 -3.30 30.09
C LYS B 231 39.24 -3.48 30.40
N LEU B 232 38.61 -2.43 30.96
CA LEU B 232 37.20 -2.50 31.30
C LEU B 232 36.35 -2.86 30.09
N TYR B 233 36.63 -2.22 28.95
CA TYR B 233 35.79 -2.37 27.76
C TYR B 233 36.34 -3.38 26.76
N ARG B 234 37.41 -4.11 27.11
CA ARG B 234 37.97 -5.10 26.19
C ARG B 234 36.95 -6.20 25.91
N LEU B 235 36.88 -6.62 24.67
CA LEU B 235 35.95 -7.66 24.24
C LEU B 235 36.69 -8.85 23.63
N PRO B 236 36.09 -10.03 23.66
CA PRO B 236 36.65 -11.17 22.92
C PRO B 236 36.83 -10.84 21.45
N GLU B 237 37.76 -11.55 20.82
CA GLU B 237 38.03 -11.32 19.39
C GLU B 237 37.01 -12.00 18.48
N THR B 238 36.29 -13.00 18.97
CA THR B 238 35.30 -13.70 18.17
C THR B 238 34.06 -13.99 19.00
N PRO B 239 32.89 -14.09 18.37
CA PRO B 239 31.66 -14.35 19.12
C PRO B 239 31.61 -15.78 19.65
N LYS B 240 30.81 -15.96 20.68
CA LYS B 240 30.75 -17.25 21.36
C LYS B 240 29.55 -18.10 20.98
N THR B 241 28.49 -17.50 20.44
CA THR B 241 27.28 -18.27 20.16
C THR B 241 27.51 -19.22 19.00
N ALA B 242 27.26 -20.51 19.24
CA ALA B 242 27.42 -21.53 18.22
C ALA B 242 26.47 -21.29 17.06
N GLY B 243 27.01 -21.34 15.84
CA GLY B 243 26.20 -21.26 14.64
C GLY B 243 25.86 -19.86 14.18
N LEU B 244 26.50 -18.84 14.73
CA LEU B 244 26.22 -17.46 14.33
C LEU B 244 26.85 -17.20 12.97
N ARG B 245 26.09 -16.57 12.06
CA ARG B 245 26.58 -16.29 10.72
C ARG B 245 25.74 -15.16 10.13
N PRO B 246 26.23 -14.47 9.10
CA PRO B 246 25.41 -13.42 8.47
C PRO B 246 24.11 -13.99 7.92
N MET B 247 23.06 -13.19 8.04
CA MET B 247 21.81 -13.51 7.35
C MET B 247 22.02 -13.61 5.84
N GLU B 248 21.36 -14.59 5.23
CA GLU B 248 21.40 -14.81 3.79
C GLU B 248 19.97 -14.81 3.25
N THR B 249 19.89 -14.85 1.92
CA THR B 249 18.58 -14.82 1.26
C THR B 249 17.66 -15.92 1.77
N LYS B 250 18.21 -17.12 1.99
CA LYS B 250 17.38 -18.25 2.40
C LYS B 250 16.79 -18.08 3.79
N ASP B 251 17.32 -17.13 4.58
CA ASP B 251 16.83 -16.86 5.94
C ASP B 251 15.68 -15.86 5.98
N ILE B 252 15.37 -15.19 4.88
CA ILE B 252 14.31 -14.17 4.91
C ILE B 252 13.01 -14.72 5.51
N PRO B 253 12.51 -15.89 5.12
CA PRO B 253 11.23 -16.33 5.71
C PRO B 253 11.30 -16.59 7.19
N VAL B 254 12.36 -17.27 7.67
CA VAL B 254 12.43 -17.59 9.10
C VAL B 254 12.68 -16.33 9.92
N VAL B 255 13.47 -15.38 9.40
CA VAL B 255 13.65 -14.11 10.12
C VAL B 255 12.31 -13.39 10.21
N HIS B 256 11.52 -13.41 9.14
CA HIS B 256 10.19 -12.83 9.20
C HIS B 256 9.32 -13.51 10.25
N GLN B 257 9.35 -14.85 10.29
CA GLN B 257 8.57 -15.58 11.29
C GLN B 257 9.03 -15.28 12.70
N LEU B 258 10.34 -15.34 12.95
CA LEU B 258 10.89 -15.06 14.26
C LEU B 258 10.49 -13.67 14.75
N LEU B 259 10.67 -12.66 13.90
CA LEU B 259 10.35 -11.28 14.29
C LEU B 259 8.87 -11.12 14.61
N THR B 260 8.01 -11.66 13.74
CA THR B 260 6.57 -11.49 13.92
C THR B 260 6.10 -12.05 15.25
N ARG B 261 6.56 -13.27 15.59
CA ARG B 261 6.16 -13.86 16.87
C ARG B 261 6.77 -13.13 18.05
N TYR B 262 8.02 -12.67 17.92
CA TYR B 262 8.68 -11.98 19.02
C TYR B 262 8.02 -10.64 19.35
N LEU B 263 7.57 -9.90 18.33
CA LEU B 263 7.02 -8.56 18.54
C LEU B 263 5.64 -8.57 19.18
N LYS B 264 4.97 -9.73 19.24
CA LYS B 264 3.62 -9.75 19.81
C LYS B 264 3.59 -9.33 21.28
N GLN B 265 4.70 -9.49 22.00
CA GLN B 265 4.73 -9.15 23.42
C GLN B 265 4.77 -7.65 23.69
N PHE B 266 5.00 -6.81 22.69
CA PHE B 266 5.08 -5.38 22.88
C PHE B 266 3.79 -4.70 22.42
N HIS B 267 3.64 -3.41 22.75
CA HIS B 267 2.39 -2.72 22.44
C HIS B 267 2.49 -1.74 21.28
N LEU B 268 3.68 -1.44 20.79
CA LEU B 268 3.85 -0.58 19.62
C LEU B 268 4.92 -1.23 18.77
N THR B 269 4.53 -1.78 17.62
CA THR B 269 5.45 -2.59 16.82
C THR B 269 5.13 -2.38 15.36
N PRO B 270 6.09 -2.63 14.48
CA PRO B 270 5.78 -2.74 13.05
C PRO B 270 5.21 -4.11 12.74
N VAL B 271 4.41 -4.16 11.68
CA VAL B 271 3.92 -5.41 11.12
C VAL B 271 4.53 -5.50 9.73
N MET B 272 5.57 -6.31 9.56
CA MET B 272 6.36 -6.32 8.33
C MET B 272 5.91 -7.46 7.43
N SER B 273 5.75 -7.18 6.14
CA SER B 273 5.65 -8.25 5.16
C SER B 273 7.00 -8.91 4.97
N GLN B 274 7.01 -10.05 4.28
CA GLN B 274 8.28 -10.69 4.01
C GLN B 274 9.17 -9.82 3.13
N GLU B 275 8.59 -9.07 2.20
CA GLU B 275 9.38 -8.13 1.39
C GLU B 275 9.95 -7.00 2.26
N GLU B 276 9.20 -6.56 3.26
CA GLU B 276 9.74 -5.54 4.15
C GLU B 276 10.87 -6.12 5.01
N VAL B 277 10.75 -7.37 5.45
CA VAL B 277 11.84 -7.98 6.21
C VAL B 277 13.10 -8.04 5.38
N GLU B 278 12.98 -8.42 4.10
CA GLU B 278 14.14 -8.43 3.22
C GLU B 278 14.79 -7.05 3.19
N HIS B 279 13.98 -6.01 2.96
CA HIS B 279 14.54 -4.67 2.87
C HIS B 279 15.24 -4.26 4.15
N TRP B 280 14.59 -4.45 5.29
CA TRP B 280 15.12 -3.88 6.52
C TRP B 280 16.25 -4.70 7.11
N PHE B 281 16.37 -5.99 6.77
CA PHE B 281 17.34 -6.84 7.45
C PHE B 281 18.42 -7.43 6.57
N TYR B 282 18.17 -7.61 5.26
CA TYR B 282 19.18 -8.25 4.42
C TYR B 282 20.46 -7.41 4.45
N PRO B 283 21.62 -8.00 4.77
CA PRO B 283 22.80 -7.19 5.06
C PRO B 283 23.23 -6.35 3.87
N GLN B 284 23.61 -5.10 4.16
CA GLN B 284 24.23 -4.20 3.20
C GLN B 284 25.39 -3.55 3.92
N GLU B 285 26.60 -3.71 3.38
CA GLU B 285 27.79 -3.18 4.05
C GLU B 285 27.64 -1.69 4.33
N ASN B 286 28.00 -1.30 5.56
CA ASN B 286 28.00 0.07 6.04
C ASN B 286 26.60 0.66 6.17
N ILE B 287 25.57 -0.19 6.17
CA ILE B 287 24.19 0.26 6.33
C ILE B 287 23.49 -0.60 7.39
N ILE B 288 23.36 -1.90 7.13
CA ILE B 288 22.59 -2.79 7.99
C ILE B 288 23.30 -4.13 8.07
N ASP B 289 23.48 -4.63 9.28
CA ASP B 289 24.07 -5.94 9.56
C ASP B 289 23.05 -6.79 10.30
N THR B 290 22.89 -8.04 9.85
CA THR B 290 22.03 -8.99 10.53
C THR B 290 22.77 -10.32 10.57
N PHE B 291 22.85 -10.91 11.76
CA PHE B 291 23.45 -12.22 11.95
C PHE B 291 22.40 -13.15 12.53
N VAL B 292 22.31 -14.37 11.99
CA VAL B 292 21.36 -15.36 12.47
C VAL B 292 22.13 -16.44 13.22
N VAL B 293 21.43 -17.13 14.13
CA VAL B 293 21.97 -18.32 14.77
C VAL B 293 21.34 -19.53 14.10
N GLU B 294 22.14 -20.31 13.40
CA GLU B 294 21.70 -21.56 12.80
C GLU B 294 22.28 -22.70 13.63
N ASN B 295 21.41 -23.50 14.25
CA ASN B 295 21.88 -24.43 15.27
C ASN B 295 22.34 -25.75 14.64
N ALA B 296 22.62 -26.73 15.49
CA ALA B 296 23.18 -28.01 15.06
C ALA B 296 22.19 -28.82 14.23
N ASN B 297 20.91 -28.50 14.29
CA ASN B 297 19.90 -29.13 13.47
C ASN B 297 19.63 -28.36 12.20
N GLY B 298 20.36 -27.27 11.95
CA GLY B 298 20.09 -26.42 10.80
C GLY B 298 18.96 -25.44 10.97
N GLU B 299 18.39 -25.32 12.17
CA GLU B 299 17.27 -24.40 12.41
C GLU B 299 17.80 -23.03 12.83
N VAL B 300 17.23 -21.97 12.26
CA VAL B 300 17.53 -20.61 12.66
C VAL B 300 16.62 -20.24 13.84
N THR B 301 17.23 -20.01 15.00
CA THR B 301 16.49 -19.81 16.24
C THR B 301 16.57 -18.39 16.79
N ASP B 302 17.49 -17.57 16.31
CA ASP B 302 17.74 -16.25 16.89
C ASP B 302 18.33 -15.37 15.80
N PHE B 303 18.20 -14.05 15.98
CA PHE B 303 18.99 -13.16 15.16
C PHE B 303 19.22 -11.84 15.87
N LEU B 304 20.30 -11.17 15.47
CA LEU B 304 20.65 -9.86 15.99
C LEU B 304 20.87 -8.94 14.81
N SER B 305 20.66 -7.63 15.02
CA SER B 305 20.89 -6.71 13.91
C SER B 305 21.19 -5.32 14.45
N PHE B 306 21.95 -4.57 13.66
CA PHE B 306 22.30 -3.21 14.00
C PHE B 306 22.61 -2.45 12.72
N TYR B 307 22.27 -1.15 12.69
CA TYR B 307 22.56 -0.35 11.53
C TYR B 307 23.70 0.64 11.78
N THR B 308 24.26 1.13 10.68
CA THR B 308 25.46 1.96 10.69
C THR B 308 25.06 3.41 10.52
N LEU B 309 25.45 4.27 11.47
CA LEU B 309 25.15 5.69 11.37
C LEU B 309 26.26 6.47 12.04
N PRO B 310 27.27 6.88 11.26
CA PRO B 310 28.37 7.67 11.83
C PRO B 310 27.95 9.09 12.17
N SER B 311 28.80 9.73 12.94
CA SER B 311 28.57 11.09 13.42
C SER B 311 29.72 11.97 12.97
N THR B 312 29.40 13.13 12.39
CA THR B 312 30.41 14.13 12.10
C THR B 312 30.94 14.71 13.41
N ILE B 313 32.26 14.85 13.50
CA ILE B 313 32.89 15.50 14.64
C ILE B 313 32.91 16.99 14.34
N MET B 314 31.94 17.71 14.90
CA MET B 314 31.72 19.10 14.49
C MET B 314 32.93 19.98 14.81
N ASN B 315 33.67 19.68 15.86
CA ASN B 315 34.85 20.47 16.22
C ASN B 315 36.06 20.13 15.37
N HIS B 316 36.04 19.00 14.66
CA HIS B 316 37.11 18.60 13.75
C HIS B 316 36.50 17.93 12.53
N PRO B 317 35.90 18.71 11.62
CA PRO B 317 35.20 18.12 10.48
C PRO B 317 36.12 17.45 9.46
N THR B 318 37.44 17.59 9.59
CA THR B 318 38.37 16.88 8.72
C THR B 318 38.69 15.48 9.23
N HIS B 319 38.57 15.25 10.53
CA HIS B 319 38.93 13.97 11.12
C HIS B 319 37.93 12.89 10.73
N LYS B 320 38.35 11.63 10.91
CA LYS B 320 37.48 10.51 10.58
C LYS B 320 36.20 10.57 11.39
N SER B 321 35.07 10.37 10.72
CA SER B 321 33.78 10.41 11.38
C SER B 321 33.71 9.32 12.46
N LEU B 322 33.08 9.67 13.57
CA LEU B 322 32.82 8.69 14.62
C LEU B 322 31.87 7.61 14.11
N LYS B 323 32.30 6.36 14.14
CA LYS B 323 31.52 5.26 13.55
C LYS B 323 30.67 4.60 14.63
N ALA B 324 29.36 4.79 14.56
CA ALA B 324 28.42 4.26 15.54
C ALA B 324 27.53 3.18 14.94
N ALA B 325 27.31 2.12 15.72
CA ALA B 325 26.30 1.12 15.40
C ALA B 325 25.09 1.33 16.29
N TYR B 326 23.89 1.13 15.73
CA TYR B 326 22.65 1.26 16.48
C TYR B 326 21.92 -0.07 16.53
N SER B 327 21.62 -0.53 17.74
CA SER B 327 20.80 -1.73 17.90
C SER B 327 19.49 -1.58 17.13
N PHE B 328 19.11 -2.64 16.39
CA PHE B 328 17.93 -2.59 15.54
C PHE B 328 16.89 -3.51 16.17
N TYR B 329 16.66 -4.71 15.61
CA TYR B 329 15.79 -5.69 16.26
C TYR B 329 16.61 -6.93 16.61
N ASN B 330 16.42 -7.41 17.84
CA ASN B 330 17.14 -8.57 18.35
C ASN B 330 16.13 -9.58 18.88
N VAL B 331 16.08 -10.74 18.26
CA VAL B 331 15.06 -11.75 18.53
C VAL B 331 15.77 -12.98 19.07
N HIS B 332 15.32 -13.46 20.23
CA HIS B 332 15.86 -14.66 20.86
C HIS B 332 14.75 -15.65 21.15
N THR B 333 14.96 -16.91 20.76
CA THR B 333 14.11 -18.00 21.23
C THR B 333 14.89 -19.13 21.88
N GLN B 334 16.18 -19.28 21.61
CA GLN B 334 16.98 -20.35 22.18
C GLN B 334 18.30 -19.86 22.77
N THR B 335 18.86 -18.81 22.20
CA THR B 335 20.07 -18.17 22.72
C THR B 335 19.68 -17.09 23.73
N PRO B 336 20.30 -17.03 24.90
CA PRO B 336 19.97 -15.95 25.84
C PRO B 336 20.24 -14.59 25.20
N LEU B 337 19.31 -13.64 25.42
CA LEU B 337 19.47 -12.30 24.86
C LEU B 337 20.80 -11.70 25.27
N LEU B 338 21.22 -11.97 26.52
CA LEU B 338 22.49 -11.44 27.01
C LEU B 338 23.65 -11.93 26.15
N ASP B 339 23.64 -13.22 25.79
CA ASP B 339 24.67 -13.78 24.91
C ASP B 339 24.59 -13.18 23.51
N LEU B 340 23.38 -13.02 22.98
CA LEU B 340 23.22 -12.44 21.65
C LEU B 340 23.80 -11.03 21.58
N MET B 341 23.52 -10.21 22.58
CA MET B 341 24.01 -8.83 22.56
C MET B 341 25.50 -8.76 22.81
N SER B 342 26.05 -9.66 23.64
CA SER B 342 27.50 -9.71 23.77
C SER B 342 28.16 -10.00 22.43
N ASP B 343 27.57 -10.92 21.66
CA ASP B 343 28.13 -11.19 20.34
C ASP B 343 27.91 -10.02 19.39
N ALA B 344 26.81 -9.26 19.54
CA ALA B 344 26.65 -8.08 18.69
C ALA B 344 27.74 -7.07 18.96
N LEU B 345 28.10 -6.88 20.23
CA LEU B 345 29.20 -5.97 20.55
C LEU B 345 30.50 -6.45 19.91
N VAL B 346 30.80 -7.75 20.04
CA VAL B 346 32.02 -8.31 19.47
C VAL B 346 32.04 -8.11 17.96
N LEU B 347 30.91 -8.37 17.30
CA LEU B 347 30.83 -8.19 15.85
C LEU B 347 31.02 -6.73 15.46
N ALA B 348 30.39 -5.80 16.19
CA ALA B 348 30.56 -4.39 15.85
C ALA B 348 32.01 -3.97 16.05
N LYS B 349 32.65 -4.46 17.12
CA LYS B 349 34.06 -4.14 17.34
C LYS B 349 34.91 -4.65 16.18
N MET B 350 34.65 -5.89 15.73
CA MET B 350 35.37 -6.44 14.59
C MET B 350 35.19 -5.59 13.35
N LYS B 351 33.99 -5.06 13.13
CA LYS B 351 33.71 -4.26 11.96
C LYS B 351 34.17 -2.81 12.09
N GLY B 352 34.92 -2.48 13.14
CA GLY B 352 35.51 -1.17 13.24
C GLY B 352 34.64 -0.08 13.82
N PHE B 353 33.53 -0.41 14.46
CA PHE B 353 32.72 0.61 15.11
C PHE B 353 33.40 1.10 16.39
N ASP B 354 33.19 2.37 16.70
CA ASP B 354 33.75 2.97 17.90
C ASP B 354 32.82 2.88 19.11
N VAL B 355 31.51 2.81 18.87
CA VAL B 355 30.53 2.81 19.95
C VAL B 355 29.31 2.03 19.45
N PHE B 356 28.63 1.37 20.37
CA PHE B 356 27.42 0.62 20.08
C PHE B 356 26.30 1.26 20.87
N ASN B 357 25.27 1.75 20.17
CA ASN B 357 24.16 2.45 20.80
C ASN B 357 22.93 1.57 20.87
N ALA B 358 22.20 1.68 21.98
CA ALA B 358 20.93 0.98 22.12
C ALA B 358 19.99 1.81 22.98
N LEU B 359 18.70 1.69 22.69
CA LEU B 359 17.64 2.28 23.49
C LEU B 359 17.27 1.35 24.63
N ASP B 360 16.48 1.87 25.59
CA ASP B 360 16.00 1.05 26.69
C ASP B 360 14.63 0.42 26.40
N LEU B 361 14.24 0.30 25.13
CA LEU B 361 12.95 -0.28 24.79
C LEU B 361 13.07 -1.80 24.68
N MET B 362 11.94 -2.44 24.36
CA MET B 362 11.81 -3.91 24.27
C MET B 362 12.39 -4.51 25.54
N GLU B 363 13.27 -5.52 25.47
CA GLU B 363 13.85 -6.11 26.68
C GLU B 363 15.26 -5.59 26.95
N ASN B 364 15.62 -4.44 26.37
CA ASN B 364 17.03 -4.04 26.39
C ASN B 364 17.53 -3.75 27.80
N LYS B 365 16.66 -3.30 28.70
CA LYS B 365 17.11 -3.05 30.07
C LYS B 365 17.65 -4.31 30.73
N THR B 366 17.30 -5.49 30.23
CA THR B 366 17.84 -6.70 30.85
C THR B 366 19.32 -6.87 30.57
N PHE B 367 19.89 -6.18 29.58
CA PHE B 367 21.31 -6.36 29.30
C PHE B 367 22.15 -5.09 29.35
N LEU B 368 21.53 -3.89 29.36
CA LEU B 368 22.31 -2.66 29.21
C LEU B 368 23.40 -2.54 30.27
N GLU B 369 23.03 -2.60 31.55
CA GLU B 369 24.03 -2.43 32.60
C GLU B 369 25.01 -3.59 32.63
N LYS B 370 24.51 -4.81 32.43
CA LYS B 370 25.38 -5.98 32.48
C LYS B 370 26.46 -5.93 31.40
N LEU B 371 26.15 -5.39 30.23
CA LEU B 371 27.12 -5.34 29.15
C LEU B 371 27.89 -4.02 29.12
N LYS B 372 27.85 -3.28 30.22
CA LYS B 372 28.66 -2.08 30.44
C LYS B 372 28.24 -0.90 29.56
N PHE B 373 26.99 -0.87 29.10
CA PHE B 373 26.44 0.35 28.52
C PHE B 373 26.37 1.44 29.58
N GLY B 374 26.53 2.68 29.14
CA GLY B 374 26.33 3.84 30.01
C GLY B 374 25.18 4.68 29.50
N ILE B 375 24.43 5.28 30.42
CA ILE B 375 23.25 6.01 29.98
C ILE B 375 23.66 7.31 29.29
N GLY B 376 22.93 7.66 28.23
CA GLY B 376 23.21 8.87 27.48
C GLY B 376 22.38 10.04 27.99
N ASP B 377 22.59 11.18 27.35
CA ASP B 377 21.83 12.37 27.69
C ASP B 377 20.65 12.52 26.73
N GLY B 378 19.64 13.25 27.17
CA GLY B 378 18.42 13.42 26.39
C GLY B 378 17.60 12.14 26.27
N ASN B 379 16.46 12.27 25.60
CA ASN B 379 15.51 11.17 25.46
C ASN B 379 15.13 10.99 23.99
N LEU B 380 14.48 9.87 23.70
CA LEU B 380 13.85 9.64 22.42
C LEU B 380 12.36 9.42 22.69
N GLN B 381 11.54 10.44 22.38
CA GLN B 381 10.10 10.38 22.55
C GLN B 381 9.43 9.76 21.33
N TYR B 382 8.47 8.87 21.58
CA TYR B 382 7.67 8.25 20.53
C TYR B 382 6.28 8.89 20.50
N TYR B 383 5.75 9.12 19.29
CA TYR B 383 4.49 9.82 19.13
C TYR B 383 3.62 9.14 18.09
N LEU B 384 2.31 9.29 18.25
CA LEU B 384 1.34 8.95 17.23
C LEU B 384 0.53 10.19 16.86
N TYR B 385 0.24 10.33 15.57
CA TYR B 385 -0.58 11.43 15.07
C TYR B 385 -1.97 10.88 14.79
N ASN B 386 -2.99 11.55 15.33
CA ASN B 386 -4.39 11.16 15.14
C ASN B 386 -4.70 9.76 15.66
N TRP B 387 -4.10 9.42 16.79
CA TRP B 387 -4.41 8.17 17.47
C TRP B 387 -4.18 8.39 18.96
N LYS B 388 -5.27 8.36 19.71
CA LYS B 388 -5.26 8.67 21.12
C LYS B 388 -5.36 7.35 21.87
N CYS B 389 -4.32 7.02 22.64
CA CYS B 389 -4.24 5.75 23.33
C CYS B 389 -3.43 5.96 24.61
N PRO B 390 -3.49 5.02 25.56
CA PRO B 390 -2.66 5.15 26.76
C PRO B 390 -1.18 5.17 26.41
N SER B 391 -0.40 5.89 27.21
CA SER B 391 1.04 5.78 27.07
C SER B 391 1.50 4.43 27.58
N MET B 392 2.73 4.07 27.24
CA MET B 392 3.31 2.80 27.67
C MET B 392 4.73 3.03 28.16
N GLY B 393 5.19 2.12 29.01
CA GLY B 393 6.59 2.14 29.41
C GLY B 393 7.50 1.80 28.25
N ALA B 394 8.78 2.18 28.39
CA ALA B 394 9.73 1.92 27.32
C ALA B 394 9.82 0.44 26.97
N GLU B 395 9.69 -0.43 27.99
CA GLU B 395 9.84 -1.85 27.74
C GLU B 395 8.71 -2.43 26.88
N LYS B 396 7.64 -1.67 26.67
CA LYS B 396 6.57 -2.09 25.79
C LYS B 396 6.67 -1.49 24.40
N VAL B 397 7.59 -0.56 24.18
CA VAL B 397 7.82 -0.03 22.83
C VAL B 397 8.65 -1.05 22.06
N GLY B 398 8.16 -1.46 20.89
CA GLY B 398 8.84 -2.46 20.08
C GLY B 398 9.03 -1.98 18.65
N LEU B 399 9.41 -0.73 18.49
CA LEU B 399 9.53 -0.09 17.18
C LEU B 399 10.81 0.73 17.17
N VAL B 400 11.65 0.49 16.16
CA VAL B 400 12.93 1.19 16.02
C VAL B 400 12.93 1.86 14.66
N LEU B 401 13.15 3.17 14.65
CA LEU B 401 13.18 3.94 13.42
C LEU B 401 14.62 4.35 13.09
N GLN B 402 14.85 4.65 11.82
CA GLN B 402 16.19 4.97 11.32
C GLN B 402 16.60 6.39 11.67
C ACE C 1 18.94 7.40 14.56
O ACE C 1 18.91 8.17 13.65
CH3 ACE C 1 20.22 6.64 14.87
N GLY C 2 17.89 7.15 15.33
CA GLY C 2 16.67 7.85 15.05
C GLY C 2 16.55 9.22 15.69
N ORN C 3 16.35 10.24 14.86
CA ORN C 3 15.70 11.48 15.26
CB ORN C 3 14.22 11.17 15.50
CG ORN C 3 13.45 10.87 14.23
CD ORN C 3 13.76 9.53 13.57
NE ORN C 3 13.03 8.36 14.00
C ORN C 3 16.22 12.28 16.51
O ORN C 3 15.67 13.37 16.86
N SER C 4 17.24 11.74 17.16
CA SER C 4 17.78 12.30 18.39
C SER C 4 19.21 11.80 18.58
N PHE C 5 20.16 12.73 18.66
CA PHE C 5 21.55 12.37 18.88
C PHE C 5 21.84 12.42 20.38
N SER C 6 22.33 11.32 20.92
CA SER C 6 22.73 11.22 22.31
C SER C 6 24.21 10.87 22.40
N LYS C 7 24.79 11.16 23.57
CA LYS C 7 26.17 10.82 23.87
C LYS C 7 26.28 10.64 25.38
N PRO C 8 27.33 9.97 25.86
CA PRO C 8 27.41 9.64 27.29
C PRO C 8 27.25 10.86 28.18
N ARG C 9 26.40 10.73 29.19
CA ARG C 9 26.21 11.77 30.18
C ARG C 9 27.45 11.86 31.08
C ACE D 1 -16.27 -7.59 -16.48
O ACE D 1 -17.21 -8.33 -16.48
CH3 ACE D 1 -16.18 -6.46 -17.50
N GLY D 2 -15.25 -7.70 -15.62
CA GLY D 2 -15.18 -8.70 -14.57
C GLY D 2 -15.08 -10.15 -14.99
N ORN D 3 -14.46 -10.42 -16.12
CA ORN D 3 -14.36 -11.77 -16.67
CB ORN D 3 -13.54 -12.72 -15.79
CG ORN D 3 -12.14 -12.23 -15.51
CD ORN D 3 -12.14 -11.40 -14.23
NE ORN D 3 -11.26 -11.82 -13.17
C ORN D 3 -15.72 -12.50 -16.90
O ORN D 3 -15.79 -13.75 -16.72
N SER D 4 -16.77 -11.77 -17.27
CA SER D 4 -18.01 -12.40 -17.68
C SER D 4 -18.59 -11.62 -18.85
N PHE D 5 -18.71 -12.29 -20.00
CA PHE D 5 -19.25 -11.65 -21.20
C PHE D 5 -20.71 -12.03 -21.34
N SER D 6 -21.60 -11.06 -21.14
CA SER D 6 -23.03 -11.29 -21.24
C SER D 6 -23.58 -10.69 -22.53
N LYS D 7 -24.69 -11.27 -23.00
CA LYS D 7 -25.51 -10.71 -24.07
C LYS D 7 -26.95 -11.03 -23.72
N PRO D 8 -27.90 -10.24 -24.23
CA PRO D 8 -29.30 -10.38 -23.77
C PRO D 8 -29.84 -11.79 -23.99
N ARG D 9 -30.57 -12.27 -22.99
CA ARG D 9 -31.26 -13.56 -23.09
C ARG D 9 -32.42 -13.44 -24.08
C1 GOL E . -18.76 -16.37 0.38
O1 GOL E . -19.80 -15.91 1.21
C2 GOL E . -17.45 -15.70 0.88
O2 GOL E . -17.11 -16.10 2.16
C3 GOL E . -16.36 -16.08 -0.15
O3 GOL E . -16.72 -15.54 -1.39
S1 MYA F . 12.62 14.06 14.39
C2 MYA F . 14.03 15.05 13.75
C3 MYA F . 13.76 16.57 13.73
N4 MYA F . 14.84 17.23 12.97
C5 MYA F . 15.87 17.86 13.58
O5 MYA F . 16.00 17.93 14.80
C6 MYA F . 16.91 18.47 12.63
C7 MYA F . 17.56 19.70 13.25
N8 MYA F . 16.51 20.70 13.50
C9 MYA F . 15.88 21.37 12.52
O9 MYA F . 16.15 21.25 11.31
C10 MYA F . 14.79 22.33 12.98
O10 MYA F . 15.06 22.74 14.34
C11 MYA F . 13.39 21.69 12.91
C12 MYA F . 12.36 22.67 13.48
C13 MYA F . 13.35 20.39 13.73
C14 MYA F . 13.05 21.38 11.45
N1A MYA F . 9.06 17.54 15.44
O1A MYA F . 10.17 26.11 11.98
P1A MYA F . 10.04 26.40 13.43
C1X MYA F . 7.78 22.45 16.58
C2A MYA F . 7.80 18.12 15.44
O2A MYA F . 10.03 27.83 13.88
P2A MYA F . 12.67 25.29 13.57
C2M MYA F . 11.66 13.88 12.93
O2M MYA F . 12.10 14.04 11.79
C2X MYA F . 8.09 23.58 17.55
O2X MYA F . 7.93 23.15 18.91
N3A MYA F . 7.67 19.47 15.79
O3A MYA F . 11.20 25.57 14.21
C3M MYA F . 10.18 13.54 13.14
C3X MYA F . 6.99 24.55 17.16
O3X MYA F . 5.66 24.04 17.46
P3X MYA F . 4.83 24.74 18.67
C4A MYA F . 8.77 20.18 16.10
O4A MYA F . 12.99 26.35 12.60
C4M MYA F . 9.38 14.86 13.01
C4X MYA F . 7.28 24.57 15.66
O4X MYA F . 7.53 23.16 15.32
C5A MYA F . 9.98 19.59 16.10
O5A MYA F . 13.59 25.01 14.70
C5M MYA F . 7.87 14.56 13.05
C5X MYA F . 8.59 25.36 15.41
O5X MYA F . 8.71 25.69 14.01
C6A MYA F . 10.11 18.30 15.77
N6A MYA F . 11.34 17.77 15.79
O6A MYA F . 12.44 23.89 12.76
C6M MYA F . 7.08 15.83 12.66
N7A MYA F . 10.87 20.52 16.44
O7A MYA F . 4.64 26.12 18.13
C7M MYA F . 5.59 15.70 13.01
C8A MYA F . 10.22 21.66 16.67
O8A MYA F . 3.59 24.00 18.86
C8M MYA F . 4.89 14.69 12.07
N9A MYA F . 8.92 21.45 16.46
O9A MYA F . 5.79 24.68 19.80
C9M MYA F . 3.40 14.54 12.45
CAM MYA F . 2.68 13.53 11.48
CBM MYA F . 2.52 14.16 10.09
CCM MYA F . 1.88 13.16 9.12
CDM MYA F . 0.43 12.86 9.49
CEM MYA F . -0.15 11.79 8.50
CFM MYA F . -1.61 11.47 8.85
C1 GOL G . -0.18 9.37 23.40
O1 GOL G . -0.37 8.27 24.27
C2 GOL G . -0.69 8.93 21.98
O2 GOL G . -2.08 8.84 21.93
C3 GOL G . -0.16 10.03 20.98
O3 GOL G . 1.23 9.94 20.91
S1 MYA H . -12.07 -13.95 -14.32
C2 MYA H . -11.13 -14.18 -15.89
C3 MYA H . -11.04 -15.62 -16.39
N4 MYA H . -10.46 -15.59 -17.74
C5 MYA H . -11.09 -16.09 -18.82
O5 MYA H . -12.21 -16.63 -18.78
C6 MYA H . -10.34 -15.93 -20.14
C7 MYA H . -10.70 -17.06 -21.11
N8 MYA H . -10.39 -18.35 -20.45
C9 MYA H . -9.12 -18.71 -20.17
O9 MYA H . -8.15 -18.03 -20.46
C10 MYA H . -8.98 -20.09 -19.50
O10 MYA H . -10.09 -20.93 -19.87
C11 MYA H . -8.90 -19.98 -17.97
C12 MYA H . -8.83 -21.39 -17.37
C13 MYA H . -10.14 -19.27 -17.40
C14 MYA H . -7.62 -19.24 -17.56
N1A MYA H . -11.12 -18.31 -12.16
O1A MYA H . -7.04 -26.62 -16.93
P1A MYA H . -7.02 -25.23 -16.42
C1X MYA H . -10.48 -23.47 -12.47
C2A MYA H . -10.59 -19.17 -11.19
O2A MYA H . -5.79 -24.42 -16.56
P2A MYA H . -8.08 -23.61 -18.50
C2M MYA H . -10.85 -13.08 -13.36
O2M MYA H . -9.61 -13.02 -14.08
C2X MYA H . -11.22 -24.68 -13.01
O2X MYA H . -12.56 -24.73 -12.47
N3A MYA H . -10.51 -20.54 -11.48
O3A MYA H . -8.23 -24.38 -17.07
C3M MYA H . -10.69 -13.69 -11.96
C3X MYA H . -10.35 -25.78 -12.45
O3X MYA H . -10.44 -25.81 -10.99
P3X MYA H . -11.24 -27.03 -10.30
C4A MYA H . -10.92 -20.99 -12.66
O4A MYA H . -6.87 -24.09 -19.20
C4M MYA H . -9.81 -14.94 -11.87
C4X MYA H . -9.00 -25.24 -12.95
O4X MYA H . -9.07 -23.79 -12.71
C5A MYA H . -11.42 -20.15 -13.58
O5A MYA H . -9.39 -23.66 -19.18
C5M MYA H . -9.66 -15.24 -10.37
C5X MYA H . -8.87 -25.43 -14.46
O5X MYA H . -7.49 -25.26 -14.86
C6A MYA H . -11.52 -18.83 -13.33
N6A MYA H . -12.01 -18.05 -14.28
O6A MYA H . -7.79 -22.11 -18.01
C6M MYA H . -8.69 -16.39 -10.13
N7A MYA H . -11.75 -20.88 -14.65
O7A MYA H . -11.37 -26.69 -8.87
C7M MYA H . -8.63 -16.76 -8.63
C8A MYA H . -11.45 -22.15 -14.40
O8A MYA H . -10.42 -28.21 -10.62
C8M MYA H . -7.91 -15.70 -7.79
N9A MYA H . -10.94 -22.23 -13.16
O9A MYA H . -12.53 -26.97 -11.02
C9M MYA H . -7.82 -16.20 -6.33
CAM MYA H . -7.20 -15.15 -5.41
CBM MYA H . -5.69 -15.15 -5.66
CCM MYA H . -4.96 -14.08 -4.83
CDM MYA H . -5.00 -14.39 -3.33
CEM MYA H . -4.13 -13.36 -2.59
CFM MYA H . -4.17 -13.60 -1.07
#